data_3VIU
#
_entry.id   3VIU
#
_cell.length_a   94.899
_cell.length_b   94.563
_cell.length_c   158.780
_cell.angle_alpha   90.00
_cell.angle_beta   90.00
_cell.angle_gamma   90.00
#
_symmetry.space_group_name_H-M   'C 2 2 21'
#
loop_
_entity.id
_entity.type
_entity.pdbx_description
1 polymer 'Phosphoribosylformylglycinamidine synthase 2'
2 non-polymer "ADENOSINE-5'-DIPHOSPHATE"
3 non-polymer 'PHOSPHATE ION'
4 non-polymer 'MAGNESIUM ION'
5 non-polymer DI(HYDROXYETHYL)ETHER
6 water water
#
_entity_poly.entity_id   1
_entity_poly.type   'polypeptide(L)'
_entity_poly.pdbx_seq_one_letter_code
;(MSE)EALAKEIGIPEGEYREIVQRLGREPNRVELLLFKV(MSE)WSEHCAYKNSRPLLKALPKEGEAVLQGPGENAGVV
RVGEGWAVAFKIESHNHPSAVEPFQGAATGVGGILRDI(MSE)S(MSE)GARPIALLDSLRFGPPEEARSRYLLKGVVSG
IAFYGNAIGVPTVGGDLYFHEGYRENPLVNA(MSE)CLGLLREEHLKRSRASLGRPIYYAGAKTGRDGIGGAAFASRELK
EEKAEDRPAVQVGDPFLGKLL(MSE)EATLEAIELDLVEGVQD(MSE)GAAGLTSSLSELAHKSGLGVELHLDLVPTREE
G(MSE)TPEELLLSESQER(MSE)VLVPKEGKEKALEEVFGRWGLDCVPVARTIPERVFRVLFRGEVVAEVPTEALAEAP
TYVRVGREDPEVRRLRETPIPPLEADPQEVLRRLLASPNLASREAVYERYDHQVGTRTALLPGKGDAAVLWIKGTRLGVA
AKVDQNPRYSRLHPRLGA(MSE)HALAEACRNVSVVGAKPLAYTDGLNLGSPETPEGYHELAETIAGLKEASEALGVPVV
SGNVSLYNESGGKRIPPTA(MSE)VGVVGVLEVDKRAE(MSE)GFRRPGEVLLLIGEERGELGASEVLYLLTGKEFGHPP
RLDLGREKAVQEAIRDLIQRGLTRTAHDVAEGGLLLALAE(MSE)TFPYGVGATVEVREEGLEALFGEAPSRVLFTVEKT
RLQEATLLLEERGLPYRVLGETGGKSLTVLTPGGVLEWSLEELLSAWKAPLREVLDG
;
_entity_poly.pdbx_strand_id   A
#
loop_
_chem_comp.id
_chem_comp.type
_chem_comp.name
_chem_comp.formula
ADP non-polymer ADENOSINE-5'-DIPHOSPHATE 'C10 H15 N5 O10 P2'
MG non-polymer 'MAGNESIUM ION' 'Mg 2'
PEG non-polymer DI(HYDROXYETHYL)ETHER 'C4 H10 O3'
PO4 non-polymer 'PHOSPHATE ION' 'O4 P -3'
#
# COMPACT_ATOMS: atom_id res chain seq x y z
N MSE A 1 16.15 -37.03 -12.79
CA MSE A 1 17.04 -36.06 -12.10
C MSE A 1 16.28 -35.41 -10.94
O MSE A 1 16.44 -34.22 -10.67
CB MSE A 1 17.50 -34.99 -13.08
CG MSE A 1 18.67 -34.15 -12.56
SE MSE A 1 19.00 -32.61 -13.65
CE MSE A 1 18.89 -31.25 -12.29
N GLU A 2 15.45 -36.20 -10.28
CA GLU A 2 14.66 -35.74 -9.16
C GLU A 2 15.57 -35.41 -7.98
N ALA A 3 16.81 -35.88 -8.07
CA ALA A 3 17.80 -35.66 -7.02
C ALA A 3 18.00 -34.17 -6.77
N LEU A 4 18.70 -33.51 -7.69
CA LEU A 4 18.97 -32.08 -7.57
C LEU A 4 17.66 -31.31 -7.46
N ALA A 5 16.62 -31.84 -8.08
CA ALA A 5 15.30 -31.21 -8.07
C ALA A 5 14.83 -30.87 -6.66
N LYS A 6 14.69 -31.89 -5.84
CA LYS A 6 14.24 -31.71 -4.47
C LYS A 6 15.36 -31.19 -3.58
N GLU A 7 16.56 -31.11 -4.14
CA GLU A 7 17.72 -30.61 -3.40
C GLU A 7 17.76 -29.08 -3.42
N ILE A 8 17.09 -28.49 -4.41
CA ILE A 8 17.05 -27.03 -4.54
C ILE A 8 15.78 -26.45 -3.91
N GLY A 9 14.76 -27.29 -3.73
CA GLY A 9 13.53 -26.82 -3.12
C GLY A 9 12.26 -27.10 -3.90
N ILE A 10 12.36 -27.84 -5.00
CA ILE A 10 11.19 -28.15 -5.80
C ILE A 10 10.52 -29.46 -5.41
N PRO A 11 9.28 -29.37 -4.89
CA PRO A 11 8.46 -30.50 -4.45
C PRO A 11 8.36 -31.62 -5.48
N GLU A 12 8.33 -32.86 -5.00
CA GLU A 12 8.24 -34.03 -5.87
C GLU A 12 7.04 -33.90 -6.80
N GLY A 13 5.89 -33.53 -6.22
CA GLY A 13 4.69 -33.37 -7.00
C GLY A 13 4.86 -32.31 -8.07
N GLU A 14 5.45 -31.18 -7.69
CA GLU A 14 5.67 -30.09 -8.63
C GLU A 14 6.67 -30.45 -9.71
N TYR A 15 7.69 -31.22 -9.34
CA TYR A 15 8.72 -31.63 -10.29
C TYR A 15 8.12 -32.59 -11.30
N ARG A 16 7.26 -33.48 -10.84
CA ARG A 16 6.63 -34.45 -11.72
C ARG A 16 5.77 -33.71 -12.73
N GLU A 17 5.16 -32.60 -12.32
CA GLU A 17 4.32 -31.83 -13.20
C GLU A 17 5.14 -31.08 -14.24
N ILE A 18 6.37 -30.73 -13.87
CA ILE A 18 7.26 -30.03 -14.78
C ILE A 18 7.75 -30.95 -15.90
N VAL A 19 7.97 -32.21 -15.58
CA VAL A 19 8.44 -33.15 -16.60
C VAL A 19 7.32 -33.48 -17.58
N GLN A 20 6.08 -33.37 -17.12
CA GLN A 20 4.95 -33.65 -18.00
C GLN A 20 4.51 -32.41 -18.79
N ARG A 21 5.08 -31.26 -18.46
CA ARG A 21 4.77 -30.02 -19.18
C ARG A 21 5.83 -29.83 -20.25
N LEU A 22 7.01 -30.43 -20.02
CA LEU A 22 8.12 -30.34 -20.96
C LEU A 22 8.24 -31.59 -21.81
N GLY A 23 7.55 -32.66 -21.41
CA GLY A 23 7.62 -33.90 -22.17
C GLY A 23 9.03 -34.47 -22.04
N ARG A 24 9.76 -33.98 -21.05
CA ARG A 24 11.14 -34.39 -20.79
C ARG A 24 11.60 -33.76 -19.47
N GLU A 25 12.77 -34.15 -19.00
CA GLU A 25 13.31 -33.60 -17.76
C GLU A 25 14.15 -32.35 -18.06
N PRO A 26 13.98 -31.29 -17.27
CA PRO A 26 14.71 -30.05 -17.45
C PRO A 26 16.17 -30.21 -17.06
N ASN A 27 17.06 -29.48 -17.72
CA ASN A 27 18.48 -29.56 -17.36
C ASN A 27 18.64 -28.76 -16.08
N ARG A 28 19.87 -28.59 -15.61
CA ARG A 28 20.10 -27.85 -14.38
C ARG A 28 19.53 -26.43 -14.45
N VAL A 29 19.90 -25.69 -15.49
CA VAL A 29 19.42 -24.32 -15.66
C VAL A 29 17.90 -24.22 -15.62
N GLU A 30 17.24 -25.00 -16.48
CA GLU A 30 15.79 -25.02 -16.53
C GLU A 30 15.18 -25.32 -15.17
N LEU A 31 15.81 -26.22 -14.41
CA LEU A 31 15.31 -26.56 -13.10
C LEU A 31 15.34 -25.31 -12.22
N LEU A 32 16.48 -24.62 -12.23
CA LEU A 32 16.64 -23.40 -11.45
C LEU A 32 15.60 -22.34 -11.82
N LEU A 33 15.22 -22.30 -13.10
CA LEU A 33 14.22 -21.34 -13.55
C LEU A 33 12.86 -21.64 -12.89
N PHE A 34 12.47 -22.91 -12.87
CA PHE A 34 11.20 -23.29 -12.26
C PHE A 34 11.19 -23.04 -10.76
N LYS A 35 12.27 -23.41 -10.08
CA LYS A 35 12.34 -23.21 -8.65
C LYS A 35 11.93 -21.78 -8.30
N VAL A 36 12.39 -20.82 -9.09
CA VAL A 36 12.07 -19.42 -8.84
C VAL A 36 10.73 -18.95 -9.39
N MSE A 37 10.38 -19.38 -10.60
CA MSE A 37 9.11 -18.97 -11.20
C MSE A 37 7.90 -19.63 -10.54
O MSE A 37 6.78 -19.11 -10.61
CB MSE A 37 9.11 -19.26 -12.70
CG MSE A 37 10.01 -18.34 -13.50
SE MSE A 37 9.49 -16.45 -13.38
CE MSE A 37 8.04 -16.46 -14.68
N TRP A 38 8.12 -20.78 -9.90
CA TRP A 38 7.05 -21.51 -9.24
C TRP A 38 6.99 -21.29 -7.73
N SER A 39 7.87 -20.42 -7.21
CA SER A 39 7.89 -20.12 -5.79
C SER A 39 6.63 -19.27 -5.49
N GLU A 40 6.16 -19.28 -4.25
CA GLU A 40 4.96 -18.52 -3.92
C GLU A 40 5.10 -17.05 -4.30
N HIS A 41 6.30 -16.50 -4.14
CA HIS A 41 6.55 -15.09 -4.44
C HIS A 41 6.09 -14.74 -5.86
N CYS A 42 6.52 -15.54 -6.83
CA CYS A 42 6.16 -15.30 -8.23
C CYS A 42 4.87 -15.96 -8.71
N ALA A 43 4.58 -17.14 -8.22
CA ALA A 43 3.40 -17.87 -8.68
C ALA A 43 2.09 -17.66 -7.91
N TYR A 44 2.16 -17.24 -6.66
CA TYR A 44 0.93 -17.02 -5.89
C TYR A 44 0.10 -18.30 -5.85
N LYS A 45 0.77 -19.43 -5.70
CA LYS A 45 0.12 -20.73 -5.70
C LYS A 45 -1.02 -20.95 -4.70
N ASN A 46 -0.90 -20.45 -3.49
CA ASN A 46 -1.96 -20.64 -2.51
C ASN A 46 -2.99 -19.53 -2.41
N SER A 47 -2.72 -18.40 -3.07
CA SER A 47 -3.63 -17.26 -3.01
C SER A 47 -4.48 -17.01 -4.24
N ARG A 48 -4.02 -17.45 -5.41
CA ARG A 48 -4.78 -17.23 -6.64
C ARG A 48 -6.24 -17.69 -6.57
N PRO A 49 -6.49 -18.95 -6.16
CA PRO A 49 -7.85 -19.46 -6.08
C PRO A 49 -8.81 -18.56 -5.27
N LEU A 50 -8.27 -17.89 -4.25
CA LEU A 50 -9.09 -17.02 -3.40
C LEU A 50 -9.24 -15.61 -3.95
N LEU A 51 -8.19 -15.12 -4.63
CA LEU A 51 -8.20 -13.77 -5.18
C LEU A 51 -9.19 -13.57 -6.33
N LYS A 52 -9.68 -14.66 -6.91
CA LYS A 52 -10.64 -14.57 -7.99
C LYS A 52 -11.94 -13.93 -7.51
N ALA A 53 -12.18 -14.01 -6.21
CA ALA A 53 -13.40 -13.45 -5.61
C ALA A 53 -13.48 -11.93 -5.53
N LEU A 54 -12.35 -11.24 -5.59
CA LEU A 54 -12.35 -9.78 -5.51
C LEU A 54 -12.93 -9.09 -6.74
N PRO A 55 -13.98 -8.27 -6.54
CA PRO A 55 -14.66 -7.53 -7.62
C PRO A 55 -13.69 -6.60 -8.36
N LYS A 56 -13.71 -6.59 -9.69
CA LYS A 56 -12.80 -5.77 -10.48
C LYS A 56 -13.45 -4.65 -11.32
N GLU A 57 -14.75 -4.74 -11.56
CA GLU A 57 -15.45 -3.75 -12.37
C GLU A 57 -15.63 -2.40 -11.69
N GLY A 58 -15.49 -1.33 -12.46
CA GLY A 58 -15.64 0.02 -11.94
C GLY A 58 -15.58 1.05 -13.06
N GLU A 59 -16.37 2.11 -12.94
CA GLU A 59 -16.43 3.16 -13.96
C GLU A 59 -15.07 3.75 -14.33
N ALA A 60 -14.23 4.00 -13.33
CA ALA A 60 -12.93 4.60 -13.57
C ALA A 60 -11.77 3.66 -13.88
N VAL A 61 -12.02 2.35 -13.93
CA VAL A 61 -10.94 1.41 -14.20
C VAL A 61 -10.49 1.40 -15.66
N LEU A 62 -9.20 1.57 -15.89
CA LEU A 62 -8.65 1.55 -17.24
C LEU A 62 -7.79 0.30 -17.39
N GLN A 63 -7.25 -0.15 -16.25
CA GLN A 63 -6.39 -1.32 -16.20
C GLN A 63 -6.45 -1.95 -14.80
N GLY A 64 -6.85 -3.22 -14.74
CA GLY A 64 -6.94 -3.92 -13.47
C GLY A 64 -5.80 -4.91 -13.27
N PRO A 65 -5.97 -5.90 -12.38
CA PRO A 65 -4.91 -6.89 -12.14
C PRO A 65 -4.50 -7.58 -13.45
N GLY A 66 -3.19 -7.80 -13.60
CA GLY A 66 -2.68 -8.43 -14.79
C GLY A 66 -1.43 -7.72 -15.28
N GLU A 67 -1.43 -6.41 -15.13
CA GLU A 67 -0.30 -5.59 -15.55
C GLU A 67 0.50 -5.17 -14.33
N ASN A 68 1.68 -4.59 -14.56
CA ASN A 68 2.55 -4.15 -13.48
C ASN A 68 1.91 -3.23 -12.44
N ALA A 69 0.76 -2.64 -12.77
CA ALA A 69 0.07 -1.76 -11.84
C ALA A 69 -1.35 -1.51 -12.30
N GLY A 70 -2.18 -0.99 -11.38
CA GLY A 70 -3.56 -0.68 -11.69
C GLY A 70 -3.65 0.77 -12.14
N VAL A 71 -4.55 1.07 -13.06
CA VAL A 71 -4.71 2.42 -13.56
C VAL A 71 -6.17 2.81 -13.57
N VAL A 72 -6.46 4.01 -13.09
CA VAL A 72 -7.83 4.51 -13.07
C VAL A 72 -7.86 5.88 -13.72
N ARG A 73 -9.02 6.24 -14.25
CA ARG A 73 -9.21 7.53 -14.89
C ARG A 73 -9.50 8.59 -13.82
N VAL A 74 -8.88 9.75 -13.93
CA VAL A 74 -9.11 10.81 -12.95
C VAL A 74 -9.72 12.06 -13.57
N GLY A 75 -9.84 12.06 -14.89
CA GLY A 75 -10.45 13.20 -15.56
C GLY A 75 -9.57 14.15 -16.35
N GLU A 76 -10.22 15.00 -17.14
CA GLU A 76 -9.56 15.98 -17.98
C GLU A 76 -8.39 15.35 -18.76
N GLY A 77 -8.55 14.08 -19.11
CA GLY A 77 -7.53 13.40 -19.88
C GLY A 77 -6.44 12.73 -19.07
N TRP A 78 -6.45 12.91 -17.75
CA TRP A 78 -5.42 12.29 -16.92
C TRP A 78 -5.83 10.96 -16.31
N ALA A 79 -4.83 10.13 -16.04
CA ALA A 79 -5.04 8.81 -15.43
C ALA A 79 -4.02 8.66 -14.31
N VAL A 80 -4.26 7.72 -13.41
CA VAL A 80 -3.34 7.48 -12.31
C VAL A 80 -3.06 5.99 -12.13
N ALA A 81 -1.78 5.64 -12.12
CA ALA A 81 -1.38 4.27 -11.94
C ALA A 81 -0.90 4.14 -10.51
N PHE A 82 -1.17 3.01 -9.88
CA PHE A 82 -0.71 2.80 -8.52
C PHE A 82 -0.71 1.34 -8.16
N LYS A 83 0.02 1.01 -7.09
CA LYS A 83 0.13 -0.35 -6.64
C LYS A 83 0.94 -0.38 -5.35
N ILE A 84 0.81 -1.46 -4.60
CA ILE A 84 1.54 -1.62 -3.35
C ILE A 84 2.27 -2.95 -3.42
N GLU A 85 3.51 -2.96 -2.94
CA GLU A 85 4.37 -4.15 -2.94
C GLU A 85 4.87 -4.36 -1.53
N SER A 86 5.59 -5.46 -1.32
CA SER A 86 6.17 -5.74 -0.02
C SER A 86 7.64 -6.17 -0.18
N HIS A 87 8.44 -5.93 0.86
CA HIS A 87 9.85 -6.33 0.87
C HIS A 87 10.15 -6.69 2.31
N ASN A 88 9.32 -7.57 2.85
CA ASN A 88 9.43 -8.00 4.22
C ASN A 88 10.71 -8.72 4.60
N HIS A 89 10.85 -9.97 4.14
CA HIS A 89 12.03 -10.77 4.49
C HIS A 89 13.36 -10.03 4.25
N PRO A 90 13.51 -9.35 3.11
CA PRO A 90 14.76 -8.64 2.89
C PRO A 90 14.98 -7.46 3.86
N SER A 91 13.91 -6.79 4.24
CA SER A 91 14.05 -5.67 5.17
C SER A 91 14.44 -6.19 6.54
N ALA A 92 14.03 -7.41 6.81
CA ALA A 92 14.34 -8.07 8.07
C ALA A 92 15.84 -8.37 8.18
N VAL A 93 16.47 -8.80 7.09
CA VAL A 93 17.90 -9.14 7.13
C VAL A 93 18.79 -7.90 7.08
N GLU A 94 18.30 -6.85 6.44
CA GLU A 94 19.04 -5.61 6.33
C GLU A 94 17.99 -4.55 5.98
N PRO A 95 17.47 -3.86 7.02
CA PRO A 95 16.45 -2.81 6.89
C PRO A 95 16.72 -1.67 5.93
N PHE A 96 17.97 -1.23 5.84
CA PHE A 96 18.28 -0.12 4.96
C PHE A 96 18.14 -0.49 3.49
N GLN A 97 18.80 -1.55 3.04
CA GLN A 97 18.70 -1.94 1.65
C GLN A 97 17.31 -2.48 1.33
N GLY A 98 16.75 -3.23 2.26
CA GLY A 98 15.43 -3.80 2.04
C GLY A 98 14.40 -2.74 1.69
N ALA A 99 14.31 -1.70 2.51
CA ALA A 99 13.34 -0.63 2.29
C ALA A 99 13.64 0.18 1.02
N ALA A 100 14.89 0.56 0.84
CA ALA A 100 15.29 1.33 -0.33
C ALA A 100 14.98 0.57 -1.61
N THR A 101 15.25 -0.73 -1.58
CA THR A 101 15.02 -1.58 -2.73
C THR A 101 13.53 -1.78 -2.94
N GLY A 102 12.76 -1.72 -1.86
CA GLY A 102 11.33 -1.86 -1.99
C GLY A 102 10.84 -0.65 -2.74
N VAL A 103 11.41 0.52 -2.45
CA VAL A 103 11.01 1.75 -3.10
C VAL A 103 11.41 1.77 -4.59
N GLY A 104 12.62 1.32 -4.90
CA GLY A 104 13.07 1.29 -6.27
C GLY A 104 12.16 0.41 -7.13
N GLY A 105 11.87 -0.80 -6.65
CA GLY A 105 11.01 -1.71 -7.36
C GLY A 105 9.60 -1.19 -7.63
N ILE A 106 8.93 -0.68 -6.60
CA ILE A 106 7.58 -0.17 -6.77
C ILE A 106 7.58 0.97 -7.79
N LEU A 107 8.63 1.78 -7.78
CA LEU A 107 8.77 2.91 -8.70
C LEU A 107 8.83 2.43 -10.15
N ARG A 108 9.55 1.34 -10.38
CA ARG A 108 9.68 0.79 -11.72
C ARG A 108 8.37 0.22 -12.24
N ASP A 109 7.58 -0.39 -11.35
CA ASP A 109 6.29 -0.95 -11.76
C ASP A 109 5.37 0.16 -12.27
N ILE A 110 5.41 1.30 -11.59
CA ILE A 110 4.58 2.44 -11.96
C ILE A 110 5.10 3.07 -13.25
N MSE A 111 6.42 3.14 -13.39
CA MSE A 111 7.03 3.71 -14.59
C MSE A 111 6.70 2.89 -15.83
O MSE A 111 6.49 3.44 -16.90
CB MSE A 111 8.55 3.71 -14.51
CG MSE A 111 9.20 4.63 -13.51
SE MSE A 111 11.10 4.24 -13.62
CE MSE A 111 11.41 3.67 -11.79
N SER A 112 6.70 1.56 -15.67
CA SER A 112 6.44 0.70 -16.82
C SER A 112 5.08 0.95 -17.44
N MSE A 113 4.16 1.53 -16.67
CA MSE A 113 2.82 1.86 -17.20
C MSE A 113 2.89 3.19 -17.97
O MSE A 113 1.91 3.61 -18.58
CB MSE A 113 1.81 2.01 -16.06
CG MSE A 113 1.61 0.81 -15.20
SE MSE A 113 1.26 -0.84 -16.16
CE MSE A 113 -0.48 -0.42 -16.92
N GLY A 114 4.06 3.83 -17.92
CA GLY A 114 4.24 5.10 -18.60
C GLY A 114 3.76 6.25 -17.72
N ALA A 115 3.61 5.97 -16.43
CA ALA A 115 3.16 6.97 -15.47
C ALA A 115 4.35 7.50 -14.68
N ARG A 116 4.43 8.82 -14.58
CA ARG A 116 5.51 9.44 -13.83
C ARG A 116 5.14 9.41 -12.35
N PRO A 117 5.99 8.77 -11.52
CA PRO A 117 5.77 8.68 -10.07
C PRO A 117 5.57 10.05 -9.43
N ILE A 118 4.46 10.25 -8.74
CA ILE A 118 4.21 11.53 -8.10
C ILE A 118 4.16 11.40 -6.60
N ALA A 119 4.11 10.16 -6.11
CA ALA A 119 4.06 9.96 -4.68
C ALA A 119 4.34 8.54 -4.21
N LEU A 120 4.87 8.44 -2.99
CA LEU A 120 5.16 7.18 -2.33
C LEU A 120 4.49 7.18 -0.96
N LEU A 121 3.98 6.03 -0.55
CA LEU A 121 3.38 5.90 0.77
C LEU A 121 3.95 4.61 1.36
N ASP A 122 4.35 4.65 2.61
CA ASP A 122 4.92 3.46 3.25
C ASP A 122 3.99 2.87 4.30
N SER A 123 3.93 1.55 4.35
CA SER A 123 3.09 0.85 5.32
C SER A 123 4.05 -0.02 6.13
N LEU A 124 4.28 0.39 7.38
CA LEU A 124 5.24 -0.30 8.25
C LEU A 124 4.68 -0.94 9.53
N ARG A 125 5.24 -2.11 9.84
CA ARG A 125 4.86 -2.89 11.02
C ARG A 125 6.11 -3.45 11.69
N PHE A 126 6.32 -3.07 12.95
CA PHE A 126 7.46 -3.54 13.74
C PHE A 126 6.94 -3.94 15.12
N GLY A 127 7.79 -4.60 15.91
CA GLY A 127 7.40 -5.01 17.24
C GLY A 127 7.25 -3.78 18.12
N PRO A 128 7.03 -3.93 19.44
CA PRO A 128 6.87 -2.81 20.38
C PRO A 128 8.03 -1.83 20.29
N PRO A 129 7.73 -0.52 20.30
CA PRO A 129 8.71 0.57 20.19
C PRO A 129 9.74 0.73 21.31
N GLU A 130 9.61 -0.04 22.39
CA GLU A 130 10.57 0.06 23.49
C GLU A 130 11.72 -0.92 23.29
N GLU A 131 11.50 -1.93 22.46
CA GLU A 131 12.50 -2.96 22.17
C GLU A 131 13.56 -2.48 21.19
N ALA A 132 14.81 -2.77 21.53
CA ALA A 132 15.96 -2.37 20.72
C ALA A 132 15.84 -2.69 19.25
N ARG A 133 15.48 -3.92 18.91
CA ARG A 133 15.38 -4.28 17.49
C ARG A 133 14.32 -3.45 16.79
N SER A 134 13.18 -3.26 17.43
CA SER A 134 12.12 -2.47 16.79
C SER A 134 12.65 -1.09 16.41
N ARG A 135 13.40 -0.47 17.31
CA ARG A 135 13.96 0.85 17.04
C ARG A 135 14.95 0.75 15.88
N TYR A 136 15.77 -0.29 15.92
CA TYR A 136 16.77 -0.49 14.87
C TYR A 136 16.10 -0.58 13.48
N LEU A 137 15.14 -1.48 13.33
CA LEU A 137 14.46 -1.67 12.06
C LEU A 137 13.79 -0.38 11.57
N LEU A 138 13.16 0.34 12.49
CA LEU A 138 12.48 1.58 12.15
C LEU A 138 13.51 2.58 11.62
N LYS A 139 14.64 2.69 12.30
CA LYS A 139 15.67 3.62 11.85
C LYS A 139 16.15 3.20 10.47
N GLY A 140 16.42 1.90 10.32
CA GLY A 140 16.89 1.37 9.04
C GLY A 140 15.98 1.60 7.84
N VAL A 141 14.73 1.17 7.91
CA VAL A 141 13.85 1.34 6.75
C VAL A 141 13.53 2.79 6.42
N VAL A 142 13.34 3.66 7.40
CA VAL A 142 13.06 5.04 7.04
C VAL A 142 14.32 5.72 6.48
N SER A 143 15.49 5.33 6.98
CA SER A 143 16.74 5.89 6.45
C SER A 143 16.82 5.49 4.99
N GLY A 144 16.60 4.20 4.73
CA GLY A 144 16.66 3.67 3.39
C GLY A 144 15.60 4.23 2.47
N ILE A 145 14.38 4.39 2.99
CA ILE A 145 13.29 4.95 2.20
C ILE A 145 13.60 6.38 1.81
N ALA A 146 14.10 7.16 2.77
CA ALA A 146 14.45 8.55 2.51
C ALA A 146 15.57 8.64 1.49
N PHE A 147 16.54 7.74 1.59
CA PHE A 147 17.67 7.72 0.67
C PHE A 147 17.26 7.59 -0.79
N TYR A 148 16.45 6.58 -1.09
CA TYR A 148 16.05 6.38 -2.47
C TYR A 148 15.12 7.45 -2.99
N GLY A 149 14.05 7.71 -2.23
CA GLY A 149 13.07 8.71 -2.62
C GLY A 149 13.61 10.11 -2.76
N ASN A 150 14.42 10.54 -1.80
CA ASN A 150 14.98 11.89 -1.87
C ASN A 150 15.95 12.01 -3.04
N ALA A 151 16.65 10.93 -3.34
CA ALA A 151 17.62 10.95 -4.44
C ALA A 151 16.93 10.88 -5.80
N ILE A 152 15.82 10.15 -5.91
CA ILE A 152 15.15 10.03 -7.20
C ILE A 152 14.14 11.13 -7.49
N GLY A 153 13.83 11.95 -6.48
CA GLY A 153 12.89 13.05 -6.69
C GLY A 153 11.42 12.76 -6.50
N VAL A 154 11.08 11.67 -5.81
CA VAL A 154 9.69 11.34 -5.56
C VAL A 154 9.45 11.40 -4.06
N PRO A 155 8.54 12.26 -3.63
CA PRO A 155 8.26 12.39 -2.20
C PRO A 155 7.42 11.26 -1.63
N THR A 156 7.64 10.99 -0.35
CA THR A 156 6.86 10.00 0.35
C THR A 156 5.88 10.93 1.06
N VAL A 157 4.63 10.93 0.60
CA VAL A 157 3.61 11.83 1.13
C VAL A 157 2.82 11.35 2.34
N GLY A 158 3.06 10.13 2.77
CA GLY A 158 2.33 9.61 3.92
C GLY A 158 2.45 8.11 4.01
N GLY A 159 1.61 7.51 4.83
CA GLY A 159 1.67 6.07 4.99
C GLY A 159 1.03 5.63 6.28
N ASP A 160 1.45 4.48 6.80
CA ASP A 160 0.89 3.92 8.02
C ASP A 160 1.94 3.17 8.82
N LEU A 161 2.16 3.61 10.06
CA LEU A 161 3.16 3.01 10.95
C LEU A 161 2.49 2.48 12.22
N TYR A 162 2.79 1.24 12.57
CA TYR A 162 2.20 0.64 13.78
C TYR A 162 3.17 -0.32 14.44
N PHE A 163 3.23 -0.27 15.78
CA PHE A 163 4.10 -1.16 16.52
C PHE A 163 3.24 -2.21 17.20
N HIS A 164 3.64 -3.49 17.07
CA HIS A 164 2.86 -4.56 17.64
C HIS A 164 3.66 -5.84 17.91
N GLU A 165 3.26 -6.51 18.98
CA GLU A 165 3.85 -7.76 19.46
C GLU A 165 3.95 -8.83 18.38
N GLY A 166 2.91 -8.96 17.56
CA GLY A 166 2.91 -9.97 16.52
C GLY A 166 3.91 -9.78 15.38
N TYR A 167 4.61 -8.66 15.37
CA TYR A 167 5.55 -8.37 14.30
C TYR A 167 7.00 -8.45 14.77
N ARG A 168 7.20 -8.82 16.04
CA ARG A 168 8.55 -8.93 16.60
C ARG A 168 9.49 -9.73 15.68
N GLU A 169 9.07 -10.95 15.31
CA GLU A 169 9.90 -11.81 14.45
C GLU A 169 9.85 -11.50 12.96
N ASN A 170 8.69 -11.09 12.47
CA ASN A 170 8.58 -10.78 11.06
C ASN A 170 8.03 -9.38 10.82
N PRO A 171 8.93 -8.39 10.66
CA PRO A 171 8.45 -7.03 10.43
C PRO A 171 7.88 -6.91 9.02
N LEU A 172 7.13 -5.85 8.76
CA LEU A 172 6.56 -5.66 7.44
C LEU A 172 6.95 -4.32 6.86
N VAL A 173 7.28 -4.33 5.57
CA VAL A 173 7.63 -3.10 4.88
C VAL A 173 7.00 -3.16 3.50
N ASN A 174 5.92 -2.40 3.33
CA ASN A 174 5.23 -2.35 2.05
C ASN A 174 5.31 -0.91 1.53
N ALA A 175 5.53 -0.77 0.23
CA ALA A 175 5.61 0.56 -0.35
C ALA A 175 4.58 0.73 -1.46
N MSE A 176 3.83 1.82 -1.39
CA MSE A 176 2.83 2.10 -2.39
C MSE A 176 3.32 3.26 -3.24
O MSE A 176 3.98 4.16 -2.74
CB MSE A 176 1.52 2.47 -1.70
CG MSE A 176 0.37 2.76 -2.64
SE MSE A 176 -1.19 3.30 -1.60
CE MSE A 176 -2.33 3.93 -3.03
N CYS A 177 3.01 3.23 -4.54
CA CYS A 177 3.43 4.31 -5.41
C CYS A 177 2.31 4.83 -6.32
N LEU A 178 2.28 6.15 -6.49
CA LEU A 178 1.29 6.81 -7.35
C LEU A 178 2.01 7.47 -8.52
N GLY A 179 1.48 7.27 -9.73
CA GLY A 179 2.07 7.88 -10.90
C GLY A 179 0.98 8.42 -11.82
N LEU A 180 1.26 9.53 -12.49
CA LEU A 180 0.26 10.08 -13.39
C LEU A 180 0.73 10.05 -14.83
N LEU A 181 -0.22 10.04 -15.73
CA LEU A 181 0.07 10.01 -17.15
C LEU A 181 -1.16 10.45 -17.94
N ARG A 182 -0.95 10.70 -19.22
CA ARG A 182 -2.02 11.08 -20.11
C ARG A 182 -2.58 9.73 -20.55
N GLU A 183 -3.89 9.58 -20.44
CA GLU A 183 -4.55 8.32 -20.81
C GLU A 183 -4.03 7.80 -22.15
N GLU A 184 -3.96 8.69 -23.12
CA GLU A 184 -3.50 8.39 -24.47
C GLU A 184 -2.18 7.62 -24.51
N HIS A 185 -1.42 7.67 -23.42
CA HIS A 185 -0.12 7.02 -23.34
C HIS A 185 -0.11 5.73 -22.54
N LEU A 186 -1.28 5.25 -22.15
CA LEU A 186 -1.34 4.03 -21.34
C LEU A 186 -0.72 2.81 -22.01
N LYS A 187 0.44 2.40 -21.50
CA LYS A 187 1.15 1.24 -22.04
C LYS A 187 1.19 0.08 -21.05
N ARG A 188 1.37 -1.13 -21.57
CA ARG A 188 1.42 -2.34 -20.76
C ARG A 188 2.64 -3.19 -21.10
N SER A 189 2.53 -4.51 -20.89
CA SER A 189 3.62 -5.42 -21.17
C SER A 189 3.27 -6.29 -22.38
N ARG A 190 3.22 -5.66 -23.55
CA ARG A 190 2.91 -6.37 -24.79
C ARG A 190 4.01 -6.24 -25.83
N ALA A 191 4.09 -7.23 -26.71
CA ALA A 191 5.09 -7.24 -27.76
C ALA A 191 4.52 -7.96 -28.99
N SER A 192 4.80 -7.43 -30.18
CA SER A 192 4.30 -8.05 -31.40
C SER A 192 5.36 -8.99 -31.97
N LEU A 193 4.96 -9.83 -32.92
CA LEU A 193 5.90 -10.77 -33.48
C LEU A 193 6.97 -10.11 -34.34
N GLY A 194 8.20 -10.59 -34.23
CA GLY A 194 9.30 -10.05 -35.01
C GLY A 194 9.94 -8.78 -34.49
N ARG A 195 9.80 -8.53 -33.19
CA ARG A 195 10.36 -7.33 -32.59
C ARG A 195 11.58 -7.62 -31.73
N PRO A 196 12.52 -6.67 -31.68
CA PRO A 196 13.70 -6.91 -30.85
C PRO A 196 13.32 -6.43 -29.44
N ILE A 197 14.01 -6.91 -28.43
CA ILE A 197 13.72 -6.50 -27.05
C ILE A 197 14.95 -5.81 -26.48
N TYR A 198 14.80 -4.55 -26.08
CA TYR A 198 15.93 -3.79 -25.53
C TYR A 198 16.08 -3.89 -24.02
N TYR A 199 17.32 -3.73 -23.58
CA TYR A 199 17.72 -3.79 -22.18
C TYR A 199 18.39 -2.46 -21.87
N ALA A 200 17.96 -1.82 -20.79
CA ALA A 200 18.54 -0.54 -20.37
C ALA A 200 18.67 -0.47 -18.86
N GLY A 201 19.63 0.31 -18.38
CA GLY A 201 19.86 0.46 -16.96
C GLY A 201 21.18 -0.13 -16.50
N ALA A 202 21.25 -0.52 -15.23
CA ALA A 202 22.47 -1.10 -14.67
C ALA A 202 22.83 -2.40 -15.37
N LYS A 203 24.08 -2.82 -15.22
CA LYS A 203 24.51 -4.07 -15.82
C LYS A 203 24.19 -5.21 -14.84
N THR A 204 23.92 -6.39 -15.39
CA THR A 204 23.57 -7.56 -14.57
C THR A 204 24.74 -8.15 -13.81
N GLY A 205 24.59 -8.23 -12.49
CA GLY A 205 25.63 -8.80 -11.65
C GLY A 205 25.10 -9.98 -10.84
N ARG A 206 25.90 -10.48 -9.90
CA ARG A 206 25.47 -11.59 -9.08
C ARG A 206 24.77 -11.05 -7.85
N ASP A 207 23.58 -10.52 -8.06
CA ASP A 207 22.76 -9.92 -7.01
C ASP A 207 21.51 -10.75 -6.69
N GLY A 208 21.26 -10.94 -5.40
CA GLY A 208 20.11 -11.68 -4.94
C GLY A 208 19.68 -12.88 -5.78
N ILE A 209 20.61 -13.81 -6.02
CA ILE A 209 20.30 -14.99 -6.80
C ILE A 209 19.86 -16.13 -5.89
N VAL A 232 21.75 -3.50 -2.70
CA VAL A 232 21.82 -2.04 -2.73
C VAL A 232 21.24 -1.48 -4.02
N GLY A 233 20.54 -0.35 -3.92
CA GLY A 233 19.97 0.25 -5.10
C GLY A 233 20.61 1.59 -5.42
N ASP A 234 20.63 1.96 -6.69
CA ASP A 234 21.22 3.23 -7.11
C ASP A 234 20.14 4.14 -7.67
N PRO A 235 19.60 5.03 -6.82
CA PRO A 235 18.54 5.98 -7.17
C PRO A 235 18.97 7.03 -8.19
N PHE A 236 20.26 7.37 -8.16
CA PHE A 236 20.79 8.35 -9.08
C PHE A 236 20.62 7.84 -10.52
N LEU A 237 20.91 6.57 -10.71
CA LEU A 237 20.76 5.93 -12.02
C LEU A 237 19.26 5.72 -12.25
N GLY A 238 18.53 5.57 -11.15
CA GLY A 238 17.10 5.36 -11.24
C GLY A 238 16.42 6.56 -11.88
N LYS A 239 16.86 7.76 -11.51
CA LYS A 239 16.30 9.00 -12.05
C LYS A 239 16.49 9.01 -13.57
N LEU A 240 17.70 8.66 -14.01
CA LEU A 240 18.01 8.62 -15.44
C LEU A 240 17.13 7.59 -16.15
N LEU A 241 17.00 6.43 -15.52
CA LEU A 241 16.21 5.34 -16.08
C LEU A 241 14.76 5.76 -16.23
N MSE A 242 14.22 6.38 -15.19
CA MSE A 242 12.85 6.85 -15.16
C MSE A 242 12.54 7.86 -16.28
O MSE A 242 11.56 7.71 -17.01
CB MSE A 242 12.56 7.46 -13.80
CG MSE A 242 11.16 8.06 -13.63
SE MSE A 242 10.87 8.74 -11.81
CE MSE A 242 11.54 10.54 -12.03
N GLU A 243 13.38 8.90 -16.41
CA GLU A 243 13.17 9.91 -17.45
C GLU A 243 13.15 9.32 -18.85
N ALA A 244 14.12 8.47 -19.15
CA ALA A 244 14.23 7.84 -20.45
C ALA A 244 13.00 7.00 -20.77
N THR A 245 12.62 6.14 -19.84
CA THR A 245 11.47 5.28 -20.05
C THR A 245 10.22 6.11 -20.27
N LEU A 246 10.02 7.10 -19.40
CA LEU A 246 8.87 7.98 -19.51
C LEU A 246 8.87 8.75 -20.82
N GLU A 247 10.03 9.27 -21.22
CA GLU A 247 10.07 10.02 -22.47
C GLU A 247 9.80 9.06 -23.61
N ALA A 248 10.49 7.91 -23.59
CA ALA A 248 10.32 6.91 -24.62
C ALA A 248 8.83 6.62 -24.83
N ILE A 249 8.08 6.39 -23.76
CA ILE A 249 6.66 6.11 -23.92
C ILE A 249 5.87 7.35 -24.30
N GLU A 250 6.23 8.50 -23.72
CA GLU A 250 5.52 9.72 -24.04
C GLU A 250 5.66 10.07 -25.51
N LEU A 251 6.69 9.50 -26.15
CA LEU A 251 6.92 9.72 -27.56
C LEU A 251 6.30 8.59 -28.35
N ASP A 252 5.62 7.68 -27.65
CA ASP A 252 4.96 6.55 -28.29
C ASP A 252 5.95 5.74 -29.14
N LEU A 253 7.09 5.40 -28.55
CA LEU A 253 8.11 4.65 -29.26
C LEU A 253 8.11 3.17 -28.89
N VAL A 254 7.32 2.82 -27.87
CA VAL A 254 7.29 1.43 -27.42
C VAL A 254 5.89 0.82 -27.40
N GLU A 255 5.83 -0.50 -27.54
CA GLU A 255 4.56 -1.22 -27.50
C GLU A 255 4.49 -2.05 -26.23
N GLY A 256 5.60 -2.11 -25.51
CA GLY A 256 5.65 -2.87 -24.28
C GLY A 256 6.86 -2.52 -23.45
N VAL A 257 6.67 -2.44 -22.13
CA VAL A 257 7.75 -2.12 -21.21
C VAL A 257 7.62 -2.99 -19.98
N GLN A 258 8.72 -3.59 -19.57
CA GLN A 258 8.75 -4.46 -18.41
C GLN A 258 9.91 -4.13 -17.49
N ASP A 259 9.64 -4.12 -16.20
CA ASP A 259 10.70 -3.84 -15.25
C ASP A 259 11.20 -5.21 -14.82
N MSE A 260 12.42 -5.24 -14.33
CA MSE A 260 13.00 -6.48 -13.88
C MSE A 260 13.07 -6.47 -12.37
O MSE A 260 13.59 -5.53 -11.77
CB MSE A 260 14.37 -6.68 -14.51
CG MSE A 260 14.28 -6.78 -16.02
SE MSE A 260 15.94 -7.18 -16.86
CE MSE A 260 16.51 -8.61 -15.71
N GLY A 261 12.50 -7.50 -11.76
CA GLY A 261 12.50 -7.58 -10.32
C GLY A 261 12.84 -9.00 -9.92
N ALA A 262 11.95 -9.60 -9.14
CA ALA A 262 12.15 -10.97 -8.69
C ALA A 262 12.25 -11.85 -9.93
N ALA A 263 13.30 -12.67 -9.98
CA ALA A 263 13.52 -13.60 -11.10
C ALA A 263 14.10 -12.90 -12.32
N GLY A 264 14.51 -11.64 -12.14
CA GLY A 264 15.09 -10.85 -13.20
C GLY A 264 14.63 -11.05 -14.64
N LEU A 265 15.60 -11.32 -15.51
CA LEU A 265 15.35 -11.53 -16.93
C LEU A 265 14.34 -12.64 -17.20
N THR A 266 14.44 -13.73 -16.46
CA THR A 266 13.53 -14.85 -16.64
C THR A 266 12.07 -14.41 -16.51
N SER A 267 11.70 -13.78 -15.39
CA SER A 267 10.33 -13.34 -15.18
C SER A 267 9.90 -12.19 -16.10
N SER A 268 10.82 -11.29 -16.41
CA SER A 268 10.51 -10.18 -17.28
C SER A 268 10.07 -10.62 -18.66
N LEU A 269 10.94 -11.37 -19.34
CA LEU A 269 10.67 -11.84 -20.69
C LEU A 269 9.57 -12.90 -20.83
N SER A 270 9.63 -13.94 -19.99
CA SER A 270 8.63 -14.99 -20.07
C SER A 270 7.24 -14.41 -19.81
N GLU A 271 7.18 -13.48 -18.86
CA GLU A 271 5.91 -12.83 -18.54
C GLU A 271 5.48 -12.05 -19.78
N LEU A 272 6.39 -11.21 -20.26
CA LEU A 272 6.12 -10.39 -21.45
C LEU A 272 5.71 -11.26 -22.63
N ALA A 273 6.41 -12.38 -22.80
CA ALA A 273 6.15 -13.29 -23.89
C ALA A 273 4.78 -13.96 -23.72
N HIS A 274 4.52 -14.44 -22.51
CA HIS A 274 3.27 -15.12 -22.21
C HIS A 274 2.02 -14.25 -22.45
N LYS A 275 2.06 -13.00 -21.97
CA LYS A 275 0.94 -12.08 -22.14
C LYS A 275 0.76 -11.69 -23.60
N SER A 276 1.81 -11.85 -24.39
CA SER A 276 1.77 -11.49 -25.81
C SER A 276 1.37 -12.67 -26.69
N GLY A 277 1.20 -13.83 -26.08
CA GLY A 277 0.81 -15.00 -26.83
C GLY A 277 1.87 -15.56 -27.75
N LEU A 278 3.13 -15.21 -27.51
CA LEU A 278 4.23 -15.71 -28.32
C LEU A 278 5.42 -15.99 -27.42
N GLY A 279 6.58 -16.26 -28.02
CA GLY A 279 7.75 -16.55 -27.24
C GLY A 279 8.87 -15.55 -27.41
N VAL A 280 9.93 -15.72 -26.63
CA VAL A 280 11.06 -14.81 -26.70
C VAL A 280 12.39 -15.56 -26.69
N GLU A 281 13.29 -15.16 -27.58
CA GLU A 281 14.61 -15.75 -27.67
C GLU A 281 15.57 -14.77 -27.01
N LEU A 282 16.24 -15.21 -25.95
CA LEU A 282 17.17 -14.34 -25.23
C LEU A 282 18.62 -14.70 -25.56
N HIS A 283 19.39 -13.70 -25.95
CA HIS A 283 20.79 -13.90 -26.28
C HIS A 283 21.58 -13.37 -25.07
N LEU A 284 21.90 -14.24 -24.13
CA LEU A 284 22.62 -13.82 -22.94
C LEU A 284 23.94 -13.13 -23.22
N ASP A 285 24.56 -13.45 -24.35
CA ASP A 285 25.84 -12.84 -24.67
C ASP A 285 25.74 -11.35 -24.91
N LEU A 286 24.54 -10.88 -25.25
CA LEU A 286 24.36 -9.45 -25.50
C LEU A 286 24.00 -8.68 -24.23
N VAL A 287 23.70 -9.42 -23.16
CA VAL A 287 23.34 -8.82 -21.87
C VAL A 287 24.55 -8.17 -21.17
N PRO A 288 24.47 -6.87 -20.85
CA PRO A 288 25.54 -6.12 -20.17
C PRO A 288 25.86 -6.76 -18.83
N THR A 289 27.13 -7.09 -18.61
CA THR A 289 27.55 -7.72 -17.38
C THR A 289 28.44 -6.81 -16.52
N ARG A 290 28.34 -6.96 -15.20
CA ARG A 290 29.12 -6.17 -14.25
C ARG A 290 30.23 -7.00 -13.64
N GLU A 291 30.11 -8.32 -13.73
CA GLU A 291 31.10 -9.24 -13.17
C GLU A 291 31.53 -10.29 -14.19
N GLU A 292 32.76 -10.76 -14.05
CA GLU A 292 33.32 -11.75 -14.96
C GLU A 292 32.92 -13.19 -14.64
N GLY A 293 33.00 -14.06 -15.62
CA GLY A 293 32.70 -15.47 -15.44
C GLY A 293 31.33 -15.83 -14.89
N MSE A 294 30.32 -15.08 -15.30
CA MSE A 294 28.96 -15.34 -14.84
C MSE A 294 28.34 -16.47 -15.64
O MSE A 294 28.36 -16.46 -16.87
CB MSE A 294 28.12 -14.08 -14.96
CG MSE A 294 28.53 -13.01 -13.98
SE MSE A 294 27.33 -11.51 -14.05
CE MSE A 294 25.79 -12.30 -13.18
N THR A 295 27.80 -17.44 -14.94
CA THR A 295 27.18 -18.59 -15.58
C THR A 295 25.77 -18.28 -16.09
N PRO A 296 25.25 -19.12 -16.99
CA PRO A 296 23.91 -18.88 -17.52
C PRO A 296 22.83 -18.61 -16.44
N GLU A 297 22.70 -19.51 -15.46
CA GLU A 297 21.70 -19.31 -14.42
C GLU A 297 21.88 -18.01 -13.64
N GLU A 298 23.13 -17.61 -13.42
CA GLU A 298 23.42 -16.37 -12.70
C GLU A 298 22.89 -15.15 -13.46
N LEU A 299 23.08 -15.14 -14.77
CA LEU A 299 22.60 -14.03 -15.57
C LEU A 299 21.08 -14.05 -15.60
N LEU A 300 20.53 -15.25 -15.81
CA LEU A 300 19.07 -15.43 -15.88
C LEU A 300 18.30 -15.10 -14.60
N LEU A 301 18.89 -15.42 -13.45
CA LEU A 301 18.19 -15.18 -12.19
C LEU A 301 18.65 -13.99 -11.35
N SER A 302 19.63 -13.25 -11.85
CA SER A 302 20.08 -12.09 -11.12
C SER A 302 18.91 -11.13 -10.94
N GLU A 303 18.87 -10.46 -9.81
CA GLU A 303 17.81 -9.51 -9.55
C GLU A 303 18.45 -8.15 -9.30
N SER A 304 19.46 -7.84 -10.10
CA SER A 304 20.15 -6.55 -9.97
C SER A 304 19.16 -5.43 -10.17
N GLN A 305 19.31 -4.36 -9.39
CA GLN A 305 18.41 -3.21 -9.42
C GLN A 305 18.54 -2.35 -10.68
N GLU A 306 17.58 -1.45 -10.82
CA GLU A 306 17.46 -0.51 -11.94
C GLU A 306 17.73 -1.07 -13.33
N ARG A 307 17.02 -2.14 -13.66
CA ARG A 307 17.14 -2.76 -14.99
C ARG A 307 15.76 -2.68 -15.62
N MSE A 308 15.72 -2.44 -16.94
CA MSE A 308 14.46 -2.27 -17.63
C MSE A 308 14.44 -2.94 -19.02
O MSE A 308 15.42 -2.90 -19.76
CB MSE A 308 14.19 -0.77 -17.79
CG MSE A 308 12.73 -0.39 -17.98
SE MSE A 308 11.76 -0.44 -16.30
CE MSE A 308 11.85 1.44 -15.82
N VAL A 309 13.31 -3.55 -19.35
CA VAL A 309 13.11 -4.19 -20.63
C VAL A 309 12.18 -3.31 -21.48
N LEU A 310 12.56 -3.03 -22.73
CA LEU A 310 11.71 -2.21 -23.59
C LEU A 310 11.57 -2.80 -25.00
N VAL A 311 10.36 -2.71 -25.55
CA VAL A 311 10.06 -3.24 -26.88
C VAL A 311 9.69 -2.07 -27.78
N PRO A 312 10.62 -1.65 -28.65
CA PRO A 312 10.31 -0.53 -29.55
C PRO A 312 9.33 -0.94 -30.63
N LYS A 313 8.48 0.01 -31.03
CA LYS A 313 7.51 -0.23 -32.08
C LYS A 313 8.27 -0.42 -33.39
N GLU A 314 7.61 -1.00 -34.38
CA GLU A 314 8.24 -1.21 -35.68
C GLU A 314 8.74 0.12 -36.27
N GLY A 315 10.01 0.15 -36.62
CA GLY A 315 10.58 1.36 -37.21
C GLY A 315 11.03 2.45 -36.26
N LYS A 316 10.86 2.23 -34.96
CA LYS A 316 11.25 3.24 -33.99
C LYS A 316 12.44 2.83 -33.13
N GLU A 317 13.14 1.78 -33.53
CA GLU A 317 14.30 1.30 -32.77
C GLU A 317 15.27 2.44 -32.56
N LYS A 318 15.69 3.07 -33.65
CA LYS A 318 16.63 4.18 -33.55
C LYS A 318 16.14 5.23 -32.57
N ALA A 319 14.90 5.65 -32.73
CA ALA A 319 14.29 6.66 -31.87
C ALA A 319 14.48 6.28 -30.40
N LEU A 320 14.19 5.03 -30.07
CA LEU A 320 14.32 4.53 -28.71
C LEU A 320 15.74 4.71 -28.22
N GLU A 321 16.71 4.37 -29.07
CA GLU A 321 18.11 4.49 -28.69
C GLU A 321 18.47 5.94 -28.40
N GLU A 322 18.00 6.83 -29.26
CA GLU A 322 18.27 8.25 -29.11
C GLU A 322 17.67 8.79 -27.83
N VAL A 323 16.46 8.34 -27.50
CA VAL A 323 15.83 8.78 -26.27
C VAL A 323 16.78 8.50 -25.11
N PHE A 324 17.27 7.28 -25.03
CA PHE A 324 18.19 6.94 -23.94
C PHE A 324 19.52 7.65 -24.09
N GLY A 325 19.93 7.88 -25.33
CA GLY A 325 21.18 8.60 -25.55
C GLY A 325 21.09 9.98 -24.92
N ARG A 326 19.94 10.62 -25.09
CA ARG A 326 19.71 11.95 -24.54
C ARG A 326 19.85 11.98 -23.02
N TRP A 327 19.48 10.90 -22.35
CA TRP A 327 19.60 10.83 -20.89
C TRP A 327 20.89 10.15 -20.43
N GLY A 328 21.85 10.05 -21.35
CA GLY A 328 23.11 9.43 -21.02
C GLY A 328 23.07 7.95 -20.70
N LEU A 329 22.08 7.24 -21.24
CA LEU A 329 21.96 5.82 -20.98
C LEU A 329 22.07 4.94 -22.23
N ASP A 330 22.63 3.74 -22.04
CA ASP A 330 22.79 2.78 -23.13
C ASP A 330 21.51 1.96 -23.20
N CYS A 331 21.05 1.71 -24.42
CA CYS A 331 19.86 0.93 -24.64
C CYS A 331 20.19 -0.05 -25.76
N VAL A 332 20.44 -1.31 -25.41
CA VAL A 332 20.82 -2.31 -26.39
C VAL A 332 19.89 -3.52 -26.55
N PRO A 333 19.74 -4.00 -27.79
CA PRO A 333 18.90 -5.15 -28.10
C PRO A 333 19.50 -6.40 -27.44
N VAL A 334 18.67 -7.15 -26.73
CA VAL A 334 19.12 -8.33 -26.01
C VAL A 334 18.34 -9.61 -26.36
N ALA A 335 17.17 -9.44 -26.96
CA ALA A 335 16.31 -10.56 -27.33
C ALA A 335 15.34 -10.19 -28.45
N ARG A 336 14.57 -11.16 -28.91
CA ARG A 336 13.60 -10.92 -29.97
C ARG A 336 12.40 -11.85 -29.78
N THR A 337 11.26 -11.47 -30.36
CA THR A 337 10.07 -12.30 -30.24
C THR A 337 10.05 -13.33 -31.35
N ILE A 338 9.52 -14.51 -31.04
CA ILE A 338 9.40 -15.60 -32.00
C ILE A 338 7.98 -16.14 -31.89
N PRO A 339 7.48 -16.81 -32.93
CA PRO A 339 6.11 -17.36 -32.91
C PRO A 339 5.92 -18.56 -31.99
N GLU A 340 6.98 -19.34 -31.78
CA GLU A 340 6.89 -20.50 -30.90
C GLU A 340 6.77 -20.01 -29.46
N ARG A 341 5.68 -20.38 -28.80
CA ARG A 341 5.45 -19.95 -27.43
C ARG A 341 6.43 -20.63 -26.48
N VAL A 342 7.66 -20.13 -26.48
CA VAL A 342 8.72 -20.70 -25.65
C VAL A 342 9.69 -19.62 -25.19
N PHE A 343 10.40 -19.92 -24.11
CA PHE A 343 11.43 -19.02 -23.60
C PHE A 343 12.72 -19.75 -23.96
N ARG A 344 13.35 -19.32 -25.03
CA ARG A 344 14.60 -19.94 -25.50
C ARG A 344 15.78 -19.08 -25.07
N VAL A 345 16.70 -19.68 -24.34
CA VAL A 345 17.87 -18.96 -23.87
C VAL A 345 19.15 -19.40 -24.57
N LEU A 346 19.81 -18.45 -25.21
CA LEU A 346 21.06 -18.69 -25.91
C LEU A 346 22.24 -18.13 -25.14
N PHE A 347 23.34 -18.86 -25.12
CA PHE A 347 24.54 -18.44 -24.44
C PHE A 347 25.73 -19.04 -25.16
N ARG A 348 26.70 -18.19 -25.49
CA ARG A 348 27.90 -18.62 -26.20
C ARG A 348 27.59 -19.65 -27.28
N GLY A 349 26.67 -19.29 -28.17
CA GLY A 349 26.29 -20.15 -29.28
C GLY A 349 25.41 -21.37 -29.04
N GLU A 350 25.16 -21.70 -27.78
CA GLU A 350 24.35 -22.87 -27.48
C GLU A 350 23.01 -22.55 -26.85
N VAL A 351 22.07 -23.47 -27.03
CA VAL A 351 20.74 -23.32 -26.45
C VAL A 351 20.86 -23.95 -25.05
N VAL A 352 20.88 -23.11 -24.02
CA VAL A 352 21.02 -23.58 -22.65
C VAL A 352 19.69 -23.77 -21.92
N ALA A 353 18.60 -23.43 -22.59
CA ALA A 353 17.27 -23.58 -22.01
C ALA A 353 16.19 -23.23 -23.01
N GLU A 354 15.11 -23.98 -22.98
CA GLU A 354 13.99 -23.77 -23.88
C GLU A 354 12.77 -24.42 -23.26
N VAL A 355 12.09 -23.66 -22.43
CA VAL A 355 10.90 -24.19 -21.77
C VAL A 355 9.68 -23.44 -22.26
N PRO A 356 8.54 -24.13 -22.36
CA PRO A 356 7.32 -23.46 -22.83
C PRO A 356 6.96 -22.31 -21.89
N THR A 357 6.51 -21.19 -22.47
CA THR A 357 6.13 -20.02 -21.69
C THR A 357 5.03 -20.37 -20.68
N GLU A 358 3.98 -21.04 -21.14
CA GLU A 358 2.88 -21.42 -20.26
C GLU A 358 3.36 -22.20 -19.03
N ALA A 359 4.29 -23.12 -19.27
CA ALA A 359 4.82 -23.95 -18.19
C ALA A 359 5.47 -23.10 -17.10
N LEU A 360 6.06 -21.98 -17.52
CA LEU A 360 6.74 -21.08 -16.60
C LEU A 360 5.85 -20.05 -15.90
N ALA A 361 4.80 -19.59 -16.59
CA ALA A 361 3.92 -18.57 -16.05
C ALA A 361 2.65 -19.08 -15.37
N GLU A 362 2.24 -20.30 -15.69
CA GLU A 362 1.02 -20.86 -15.10
C GLU A 362 1.30 -22.06 -14.21
N ALA A 363 1.79 -21.77 -13.01
CA ALA A 363 2.11 -22.82 -12.03
C ALA A 363 0.86 -23.35 -11.33
N PRO A 364 0.97 -24.54 -10.73
CA PRO A 364 -0.15 -25.17 -10.01
C PRO A 364 -0.60 -24.32 -8.83
N THR A 365 -1.89 -24.34 -8.54
CA THR A 365 -2.44 -23.61 -7.40
C THR A 365 -2.93 -24.63 -6.38
N TYR A 366 -3.10 -24.21 -5.14
CA TYR A 366 -3.55 -25.13 -4.12
C TYR A 366 -4.73 -24.62 -3.29
N VAL A 367 -5.61 -25.52 -2.92
CA VAL A 367 -6.75 -25.20 -2.10
C VAL A 367 -6.62 -25.99 -0.82
N ARG A 368 -6.95 -25.37 0.30
CA ARG A 368 -6.86 -26.03 1.59
C ARG A 368 -8.12 -25.83 2.39
N VAL A 369 -8.16 -26.43 3.56
CA VAL A 369 -9.30 -26.29 4.46
C VAL A 369 -8.81 -25.47 5.64
N GLY A 370 -9.34 -24.25 5.75
CA GLY A 370 -8.95 -23.40 6.85
C GLY A 370 -9.75 -23.72 8.09
N ARG A 371 -9.16 -23.40 9.24
CA ARG A 371 -9.81 -23.59 10.53
C ARG A 371 -9.21 -22.54 11.44
N GLU A 372 -10.07 -21.76 12.07
CA GLU A 372 -9.59 -20.71 12.95
C GLU A 372 -8.80 -21.19 14.17
N ASP A 373 -7.73 -20.46 14.46
CA ASP A 373 -6.88 -20.73 15.61
C ASP A 373 -7.77 -20.55 16.85
N PRO A 374 -7.98 -21.63 17.61
CA PRO A 374 -8.84 -21.53 18.81
C PRO A 374 -8.47 -20.41 19.77
N GLU A 375 -7.18 -20.06 19.82
CA GLU A 375 -6.75 -19.00 20.72
C GLU A 375 -7.24 -17.64 20.23
N VAL A 376 -7.33 -17.48 18.92
CA VAL A 376 -7.84 -16.22 18.38
C VAL A 376 -9.30 -16.06 18.81
N ARG A 377 -10.07 -17.14 18.69
CA ARG A 377 -11.47 -17.11 19.07
C ARG A 377 -11.59 -16.83 20.57
N ARG A 378 -10.82 -17.58 21.37
CA ARG A 378 -10.84 -17.41 22.82
C ARG A 378 -10.65 -15.94 23.20
N LEU A 379 -9.64 -15.30 22.62
CA LEU A 379 -9.37 -13.89 22.90
C LEU A 379 -10.53 -13.02 22.46
N ARG A 380 -11.02 -13.22 21.24
CA ARG A 380 -12.13 -12.44 20.70
C ARG A 380 -13.41 -12.53 21.54
N GLU A 381 -13.70 -13.73 22.04
CA GLU A 381 -14.90 -13.96 22.85
C GLU A 381 -14.71 -13.60 24.33
N THR A 382 -13.50 -13.17 24.72
CA THR A 382 -13.30 -12.80 26.10
C THR A 382 -14.11 -11.53 26.38
N PRO A 383 -14.97 -11.55 27.41
CA PRO A 383 -15.79 -10.39 27.74
C PRO A 383 -14.91 -9.21 28.15
N ILE A 384 -15.29 -8.00 27.76
CA ILE A 384 -14.51 -6.85 28.16
C ILE A 384 -14.92 -6.51 29.59
N PRO A 385 -13.96 -6.51 30.52
CA PRO A 385 -14.20 -6.23 31.94
C PRO A 385 -14.52 -4.77 32.23
N PRO A 386 -15.27 -4.50 33.32
CA PRO A 386 -15.61 -3.13 33.66
C PRO A 386 -14.30 -2.38 33.91
N LEU A 387 -14.12 -1.24 33.24
CA LEU A 387 -12.90 -0.48 33.39
C LEU A 387 -13.17 0.94 33.85
N GLU A 388 -12.20 1.52 34.55
CA GLU A 388 -12.32 2.88 35.04
C GLU A 388 -10.95 3.54 35.06
N ALA A 389 -10.92 4.81 34.65
CA ALA A 389 -9.67 5.54 34.63
C ALA A 389 -9.95 7.03 34.52
N ASP A 390 -8.97 7.84 34.90
CA ASP A 390 -9.13 9.28 34.83
C ASP A 390 -8.96 9.74 33.39
N PRO A 391 -10.05 10.16 32.74
CA PRO A 391 -9.96 10.61 31.35
C PRO A 391 -9.01 11.79 31.14
N GLN A 392 -8.76 12.56 32.20
CA GLN A 392 -7.83 13.69 32.08
C GLN A 392 -6.48 13.14 31.68
N GLU A 393 -6.13 12.00 32.25
CA GLU A 393 -4.85 11.38 31.97
C GLU A 393 -4.85 10.35 30.85
N VAL A 394 -5.99 9.71 30.61
CA VAL A 394 -6.05 8.73 29.53
C VAL A 394 -5.79 9.36 28.17
N LEU A 395 -6.33 10.55 27.92
CA LEU A 395 -6.13 11.21 26.65
C LEU A 395 -4.65 11.54 26.46
N ARG A 396 -4.00 12.02 27.52
CA ARG A 396 -2.58 12.35 27.45
C ARG A 396 -1.75 11.09 27.24
N ARG A 397 -2.16 9.99 27.87
CA ARG A 397 -1.43 8.74 27.72
C ARG A 397 -1.59 8.14 26.32
N LEU A 398 -2.76 8.34 25.72
CA LEU A 398 -3.02 7.83 24.36
C LEU A 398 -2.24 8.63 23.33
N LEU A 399 -2.21 9.95 23.51
CA LEU A 399 -1.50 10.81 22.59
C LEU A 399 -0.02 10.47 22.63
N ALA A 400 0.47 10.06 23.80
CA ALA A 400 1.88 9.70 23.98
C ALA A 400 2.22 8.29 23.51
N SER A 401 1.21 7.53 23.09
CA SER A 401 1.43 6.17 22.62
C SER A 401 2.09 6.20 21.25
N PRO A 402 3.18 5.44 21.09
CA PRO A 402 3.91 5.39 19.82
C PRO A 402 3.03 5.07 18.60
N ASN A 403 1.87 4.46 18.84
CA ASN A 403 0.97 4.11 17.75
C ASN A 403 0.00 5.24 17.41
N LEU A 404 -0.07 6.25 18.27
CA LEU A 404 -0.99 7.38 18.07
C LEU A 404 -0.30 8.75 17.98
N ALA A 405 0.94 8.83 18.43
CA ALA A 405 1.71 10.07 18.41
C ALA A 405 2.09 10.54 17.01
N SER A 406 2.56 11.78 16.91
CA SER A 406 2.96 12.37 15.64
C SER A 406 4.06 11.59 14.89
N ARG A 407 3.87 11.39 13.59
CA ARG A 407 4.88 10.69 12.78
C ARG A 407 5.75 11.79 12.15
N GLU A 408 5.61 13.00 12.68
CA GLU A 408 6.36 14.18 12.21
C GLU A 408 7.86 13.95 12.00
N ALA A 409 8.53 13.29 12.95
CA ALA A 409 9.96 13.05 12.83
C ALA A 409 10.29 12.14 11.65
N VAL A 410 9.29 11.40 11.16
CA VAL A 410 9.49 10.50 10.04
C VAL A 410 9.47 11.23 8.69
N TYR A 411 8.34 11.85 8.37
CA TYR A 411 8.19 12.58 7.10
C TYR A 411 9.11 13.77 6.96
N GLU A 412 9.77 14.16 8.04
CA GLU A 412 10.71 15.28 8.01
C GLU A 412 12.00 14.82 7.31
N ARG A 413 12.12 13.51 7.11
CA ARG A 413 13.29 12.95 6.44
C ARG A 413 13.12 13.08 4.93
N TYR A 414 11.87 13.21 4.49
CA TYR A 414 11.57 13.30 3.07
C TYR A 414 11.26 14.70 2.54
N ASP A 415 11.69 14.97 1.31
CA ASP A 415 11.44 16.26 0.66
C ASP A 415 10.87 16.06 -0.74
N HIS A 416 10.77 17.15 -1.50
CA HIS A 416 10.23 17.11 -2.85
C HIS A 416 8.71 17.12 -2.90
N GLN A 417 8.08 17.76 -1.93
CA GLN A 417 6.62 17.83 -1.92
C GLN A 417 6.13 18.59 -3.16
N VAL A 418 6.99 19.46 -3.69
CA VAL A 418 6.68 20.25 -4.88
C VAL A 418 7.43 19.73 -6.10
N GLY A 419 6.70 19.22 -7.08
CA GLY A 419 7.31 18.68 -8.28
C GLY A 419 7.08 19.45 -9.57
N THR A 420 7.33 18.79 -10.69
CA THR A 420 7.18 19.38 -12.01
C THR A 420 5.79 19.24 -12.64
N ARG A 421 4.84 18.69 -11.89
CA ARG A 421 3.49 18.53 -12.42
C ARG A 421 2.50 18.45 -11.27
N THR A 422 2.97 17.96 -10.14
CA THR A 422 2.13 17.79 -8.98
C THR A 422 2.75 18.41 -7.73
N ALA A 423 1.92 18.72 -6.75
CA ALA A 423 2.39 19.31 -5.50
C ALA A 423 1.53 18.82 -4.35
N LEU A 424 2.17 18.50 -3.24
CA LEU A 424 1.47 18.04 -2.06
C LEU A 424 0.94 19.25 -1.31
N LEU A 425 -0.35 19.24 -0.98
CA LEU A 425 -0.94 20.35 -0.26
C LEU A 425 -0.52 20.21 1.21
N PRO A 426 0.23 21.20 1.73
CA PRO A 426 0.72 21.19 3.11
C PRO A 426 -0.29 21.16 4.27
N GLY A 427 -1.53 21.56 4.00
CA GLY A 427 -2.54 21.54 5.05
C GLY A 427 -2.95 20.10 5.34
N LYS A 428 -2.58 19.61 6.53
CA LYS A 428 -2.87 18.24 6.92
C LYS A 428 -4.32 17.77 6.76
N GLY A 429 -4.53 16.86 5.81
CA GLY A 429 -5.84 16.29 5.57
C GLY A 429 -5.74 14.82 5.94
N ASP A 430 -6.86 14.12 6.05
CA ASP A 430 -6.82 12.70 6.40
C ASP A 430 -6.20 11.81 5.31
N ALA A 431 -6.09 12.35 4.10
CA ALA A 431 -5.48 11.61 3.01
C ALA A 431 -4.54 12.58 2.34
N ALA A 432 -3.47 12.07 1.73
CA ALA A 432 -2.53 12.93 1.03
C ALA A 432 -3.26 13.42 -0.22
N VAL A 433 -3.10 14.70 -0.53
CA VAL A 433 -3.75 15.28 -1.70
C VAL A 433 -2.72 15.92 -2.63
N LEU A 434 -2.51 15.28 -3.77
CA LEU A 434 -1.55 15.79 -4.76
C LEU A 434 -2.27 16.61 -5.83
N TRP A 435 -1.94 17.89 -5.92
CA TRP A 435 -2.55 18.78 -6.89
C TRP A 435 -1.87 18.69 -8.24
N ILE A 436 -2.66 18.53 -9.30
CA ILE A 436 -2.11 18.47 -10.64
C ILE A 436 -2.10 19.89 -11.17
N LYS A 437 -0.93 20.50 -11.19
CA LYS A 437 -0.74 21.87 -11.65
C LYS A 437 -1.30 22.08 -13.04
N GLY A 438 -1.89 23.26 -13.25
CA GLY A 438 -2.47 23.57 -14.55
C GLY A 438 -3.91 23.12 -14.64
N THR A 439 -4.38 22.39 -13.63
CA THR A 439 -5.76 21.91 -13.61
C THR A 439 -6.38 22.17 -12.25
N ARG A 440 -7.64 21.79 -12.12
CA ARG A 440 -8.36 21.95 -10.87
C ARG A 440 -8.42 20.59 -10.19
N LEU A 441 -7.74 19.62 -10.80
CA LEU A 441 -7.72 18.26 -10.28
C LEU A 441 -6.78 18.01 -9.13
N GLY A 442 -7.23 17.14 -8.23
CA GLY A 442 -6.46 16.75 -7.07
C GLY A 442 -6.64 15.25 -6.89
N VAL A 443 -5.53 14.57 -6.59
CA VAL A 443 -5.54 13.12 -6.38
C VAL A 443 -5.30 12.83 -4.91
N ALA A 444 -6.21 12.10 -4.27
CA ALA A 444 -6.08 11.76 -2.86
C ALA A 444 -5.70 10.29 -2.69
N ALA A 445 -4.88 10.02 -1.68
CA ALA A 445 -4.41 8.66 -1.41
C ALA A 445 -4.18 8.37 0.06
N LYS A 446 -4.43 7.13 0.45
CA LYS A 446 -4.23 6.72 1.82
C LYS A 446 -4.11 5.20 1.88
N VAL A 447 -3.38 4.70 2.87
CA VAL A 447 -3.21 3.27 3.05
C VAL A 447 -3.52 2.98 4.52
N ASP A 448 -4.33 1.97 4.79
CA ASP A 448 -4.69 1.64 6.17
C ASP A 448 -4.84 0.15 6.46
N GLN A 449 -4.84 -0.14 7.76
CA GLN A 449 -5.07 -1.46 8.33
C GLN A 449 -4.73 -1.38 9.81
N ASN A 450 -5.59 -2.02 10.60
CA ASN A 450 -5.48 -2.05 12.05
C ASN A 450 -5.15 -3.49 12.46
N PRO A 451 -3.93 -3.74 12.93
CA PRO A 451 -3.51 -5.09 13.35
C PRO A 451 -4.28 -5.71 14.52
N ARG A 452 -4.75 -4.88 15.44
CA ARG A 452 -5.50 -5.40 16.60
C ARG A 452 -6.82 -6.00 16.12
N TYR A 453 -7.55 -5.26 15.30
CA TYR A 453 -8.82 -5.75 14.75
C TYR A 453 -8.54 -7.01 13.92
N SER A 454 -7.53 -6.92 13.08
CA SER A 454 -7.15 -8.00 12.18
C SER A 454 -6.72 -9.30 12.86
N ARG A 455 -5.94 -9.20 13.94
CA ARG A 455 -5.50 -10.38 14.66
C ARG A 455 -6.69 -11.10 15.29
N LEU A 456 -7.61 -10.35 15.88
CA LEU A 456 -8.78 -10.91 16.54
C LEU A 456 -9.93 -11.31 15.62
N HIS A 457 -10.00 -10.69 14.44
CA HIS A 457 -11.07 -10.99 13.50
C HIS A 457 -10.60 -10.58 12.10
N PRO A 458 -9.70 -11.39 11.51
CA PRO A 458 -9.16 -11.09 10.19
C PRO A 458 -10.16 -10.56 9.14
N ARG A 459 -11.32 -11.19 9.04
CA ARG A 459 -12.31 -10.74 8.06
C ARG A 459 -12.78 -9.31 8.36
N LEU A 460 -13.14 -9.04 9.62
CA LEU A 460 -13.59 -7.70 9.99
C LEU A 460 -12.44 -6.71 9.87
N GLY A 461 -11.22 -7.18 10.14
CA GLY A 461 -10.05 -6.32 10.03
C GLY A 461 -9.85 -5.84 8.59
N ALA A 462 -9.99 -6.77 7.64
CA ALA A 462 -9.84 -6.45 6.22
C ALA A 462 -10.91 -5.45 5.79
N MSE A 463 -12.15 -5.68 6.23
CA MSE A 463 -13.27 -4.80 5.91
C MSE A 463 -13.00 -3.40 6.44
O MSE A 463 -13.24 -2.41 5.75
CB MSE A 463 -14.57 -5.32 6.51
CG MSE A 463 -15.24 -6.43 5.72
SE MSE A 463 -16.73 -7.16 6.73
CE MSE A 463 -17.73 -5.54 7.03
N HIS A 464 -12.52 -3.33 7.69
CA HIS A 464 -12.22 -2.06 8.32
C HIS A 464 -11.15 -1.30 7.56
N ALA A 465 -10.15 -2.03 7.06
CA ALA A 465 -9.05 -1.41 6.30
C ALA A 465 -9.52 -0.70 5.04
N LEU A 466 -10.30 -1.39 4.21
CA LEU A 466 -10.81 -0.78 2.99
C LEU A 466 -11.76 0.37 3.34
N ALA A 467 -12.63 0.14 4.30
CA ALA A 467 -13.57 1.16 4.74
C ALA A 467 -12.81 2.42 5.18
N GLU A 468 -11.88 2.26 6.11
CA GLU A 468 -11.09 3.37 6.62
C GLU A 468 -10.37 4.13 5.49
N ALA A 469 -9.66 3.40 4.64
CA ALA A 469 -8.94 4.04 3.54
C ALA A 469 -9.90 4.87 2.69
N CYS A 470 -11.06 4.30 2.36
CA CYS A 470 -12.04 5.03 1.57
C CYS A 470 -12.60 6.23 2.33
N ARG A 471 -12.77 6.06 3.65
CA ARG A 471 -13.29 7.12 4.48
C ARG A 471 -12.30 8.29 4.51
N ASN A 472 -11.02 7.97 4.63
CA ASN A 472 -9.99 9.00 4.67
C ASN A 472 -9.92 9.85 3.41
N VAL A 473 -10.16 9.22 2.26
CA VAL A 473 -10.14 9.93 1.00
C VAL A 473 -11.43 10.74 0.88
N SER A 474 -12.54 10.16 1.30
CA SER A 474 -13.82 10.85 1.26
C SER A 474 -13.80 12.08 2.15
N VAL A 475 -13.10 11.95 3.27
CA VAL A 475 -12.98 13.01 4.26
C VAL A 475 -12.26 14.27 3.75
N VAL A 476 -11.39 14.14 2.76
CA VAL A 476 -10.72 15.34 2.24
C VAL A 476 -11.52 15.84 1.05
N GLY A 477 -12.62 15.15 0.75
CA GLY A 477 -13.48 15.55 -0.34
C GLY A 477 -13.36 14.84 -1.66
N ALA A 478 -12.64 13.73 -1.69
CA ALA A 478 -12.48 13.02 -2.94
C ALA A 478 -13.28 11.71 -2.98
N LYS A 479 -13.64 11.27 -4.19
CA LYS A 479 -14.39 10.04 -4.35
C LYS A 479 -13.49 8.84 -4.67
N PRO A 480 -13.58 7.79 -3.84
CA PRO A 480 -12.81 6.55 -3.99
C PRO A 480 -12.98 5.98 -5.38
N LEU A 481 -11.88 5.81 -6.11
CA LEU A 481 -11.97 5.26 -7.46
C LEU A 481 -11.65 3.78 -7.51
N ALA A 482 -10.71 3.34 -6.69
CA ALA A 482 -10.32 1.94 -6.64
C ALA A 482 -9.30 1.75 -5.54
N TYR A 483 -8.92 0.51 -5.27
CA TYR A 483 -7.92 0.28 -4.26
C TYR A 483 -6.88 -0.72 -4.69
N THR A 484 -5.85 -0.85 -3.87
CA THR A 484 -4.75 -1.78 -4.08
C THR A 484 -4.58 -2.43 -2.71
N ASP A 485 -4.38 -3.75 -2.67
CA ASP A 485 -4.22 -4.42 -1.39
C ASP A 485 -2.93 -5.20 -1.27
N GLY A 486 -2.14 -4.86 -0.25
CA GLY A 486 -0.91 -5.56 -0.02
C GLY A 486 -1.18 -6.55 1.10
N LEU A 487 -1.38 -7.82 0.75
CA LEU A 487 -1.64 -8.83 1.75
C LEU A 487 -0.34 -9.36 2.34
N ASN A 488 -0.31 -9.50 3.67
CA ASN A 488 0.85 -10.02 4.40
C ASN A 488 0.29 -10.96 5.46
N LEU A 489 0.67 -12.23 5.38
CA LEU A 489 0.19 -13.24 6.32
C LEU A 489 1.25 -14.29 6.62
N GLY A 490 0.89 -15.22 7.51
CA GLY A 490 1.79 -16.28 7.86
C GLY A 490 1.69 -17.34 6.80
N SER A 491 2.21 -18.51 7.09
CA SER A 491 2.17 -19.62 6.15
C SER A 491 0.74 -20.08 5.89
N PRO A 492 0.43 -20.39 4.62
CA PRO A 492 -0.91 -20.84 4.23
C PRO A 492 -1.02 -22.36 4.41
N GLU A 493 0.09 -22.98 4.79
CA GLU A 493 0.14 -24.42 5.01
C GLU A 493 -0.84 -24.78 6.13
N THR A 494 -0.53 -24.36 7.35
CA THR A 494 -1.40 -24.64 8.48
C THR A 494 -2.83 -24.12 8.27
N PRO A 495 -3.82 -24.85 8.80
CA PRO A 495 -5.24 -24.46 8.68
C PRO A 495 -5.53 -23.06 9.22
N GLU A 496 -4.87 -22.70 10.33
CA GLU A 496 -5.07 -21.38 10.94
C GLU A 496 -4.59 -20.27 10.01
N GLY A 497 -3.44 -20.49 9.38
CA GLY A 497 -2.88 -19.51 8.46
C GLY A 497 -3.73 -19.34 7.22
N TYR A 498 -4.13 -20.45 6.61
CA TYR A 498 -4.96 -20.41 5.41
C TYR A 498 -6.28 -19.73 5.75
N HIS A 499 -6.77 -19.98 6.96
CA HIS A 499 -8.01 -19.39 7.40
C HIS A 499 -7.89 -17.86 7.40
N GLU A 500 -6.79 -17.36 7.95
CA GLU A 500 -6.57 -15.92 8.01
C GLU A 500 -6.49 -15.33 6.60
N LEU A 501 -5.85 -16.06 5.69
CA LEU A 501 -5.73 -15.59 4.32
C LEU A 501 -7.10 -15.57 3.67
N ALA A 502 -7.87 -16.61 3.91
CA ALA A 502 -9.20 -16.72 3.34
C ALA A 502 -10.12 -15.65 3.89
N GLU A 503 -10.13 -15.45 5.21
CA GLU A 503 -10.99 -14.44 5.82
C GLU A 503 -10.58 -13.03 5.40
N THR A 504 -9.27 -12.81 5.24
CA THR A 504 -8.78 -11.51 4.84
C THR A 504 -9.33 -11.19 3.45
N ILE A 505 -9.21 -12.13 2.53
CA ILE A 505 -9.72 -11.91 1.19
C ILE A 505 -11.25 -11.73 1.18
N ALA A 506 -11.97 -12.53 1.97
CA ALA A 506 -13.42 -12.41 2.03
C ALA A 506 -13.78 -11.04 2.60
N GLY A 507 -12.97 -10.55 3.53
CA GLY A 507 -13.23 -9.25 4.11
C GLY A 507 -13.20 -8.14 3.07
N LEU A 508 -12.15 -8.13 2.24
CA LEU A 508 -12.00 -7.13 1.18
C LEU A 508 -13.17 -7.20 0.19
N LYS A 509 -13.50 -8.40 -0.24
CA LYS A 509 -14.59 -8.62 -1.18
C LYS A 509 -15.85 -7.94 -0.66
N GLU A 510 -16.20 -8.25 0.58
CA GLU A 510 -17.39 -7.72 1.21
C GLU A 510 -17.40 -6.20 1.31
N ALA A 511 -16.27 -5.61 1.70
CA ALA A 511 -16.19 -4.16 1.81
C ALA A 511 -16.21 -3.54 0.42
N SER A 512 -15.51 -4.19 -0.50
CA SER A 512 -15.43 -3.72 -1.87
C SER A 512 -16.80 -3.67 -2.54
N GLU A 513 -17.57 -4.74 -2.37
CA GLU A 513 -18.88 -4.82 -2.98
C GLU A 513 -19.83 -3.78 -2.39
N ALA A 514 -19.81 -3.63 -1.08
CA ALA A 514 -20.69 -2.68 -0.43
C ALA A 514 -20.40 -1.22 -0.78
N LEU A 515 -19.12 -0.84 -0.81
CA LEU A 515 -18.73 0.53 -1.11
C LEU A 515 -18.60 0.83 -2.61
N GLY A 516 -18.68 -0.21 -3.43
CA GLY A 516 -18.56 0.01 -4.86
C GLY A 516 -17.19 0.55 -5.23
N VAL A 517 -16.16 -0.09 -4.70
CA VAL A 517 -14.77 0.29 -4.99
C VAL A 517 -14.04 -1.01 -5.33
N PRO A 518 -13.59 -1.14 -6.59
CA PRO A 518 -12.89 -2.34 -7.06
C PRO A 518 -11.36 -2.38 -6.91
N VAL A 519 -10.79 -3.59 -6.91
CA VAL A 519 -9.33 -3.78 -6.84
C VAL A 519 -8.80 -3.49 -8.22
N VAL A 520 -7.58 -2.98 -8.27
CA VAL A 520 -6.99 -2.67 -9.55
C VAL A 520 -5.59 -3.26 -9.62
N SER A 521 -5.05 -3.60 -8.43
CA SER A 521 -3.73 -4.19 -8.31
C SER A 521 -3.47 -4.53 -6.86
N GLY A 522 -2.33 -5.13 -6.60
CA GLY A 522 -2.01 -5.48 -5.23
C GLY A 522 -0.82 -6.40 -5.12
N ASN A 523 -0.64 -6.98 -3.94
CA ASN A 523 0.48 -7.88 -3.69
C ASN A 523 0.10 -8.88 -2.63
N VAL A 524 0.86 -9.96 -2.55
CA VAL A 524 0.61 -10.99 -1.56
C VAL A 524 1.93 -11.52 -1.04
N SER A 525 2.15 -11.37 0.25
CA SER A 525 3.36 -11.87 0.89
C SER A 525 2.95 -12.90 1.93
N LEU A 526 3.37 -14.14 1.74
CA LEU A 526 3.03 -15.21 2.67
C LEU A 526 4.25 -15.71 3.43
N TYR A 527 4.02 -16.65 4.34
CA TYR A 527 5.10 -17.23 5.14
C TYR A 527 5.75 -16.23 6.08
N ASN A 528 5.00 -15.23 6.50
CA ASN A 528 5.52 -14.24 7.44
C ASN A 528 5.26 -14.75 8.84
N GLU A 529 6.08 -15.71 9.27
CA GLU A 529 5.96 -16.29 10.59
C GLU A 529 7.23 -17.06 10.91
N SER A 530 7.47 -17.28 12.19
CA SER A 530 8.61 -18.04 12.63
C SER A 530 8.27 -18.73 13.95
N GLY A 531 8.64 -20.00 14.05
CA GLY A 531 8.37 -20.76 15.26
C GLY A 531 6.89 -20.88 15.59
N GLY A 532 6.06 -21.03 14.57
CA GLY A 532 4.64 -21.17 14.82
C GLY A 532 3.97 -19.86 15.20
N LYS A 533 4.74 -18.77 15.24
CA LYS A 533 4.15 -17.47 15.57
C LYS A 533 3.81 -16.73 14.27
N ARG A 534 2.52 -16.48 14.05
CA ARG A 534 2.07 -15.81 12.83
C ARG A 534 1.86 -14.31 13.08
N ILE A 535 2.22 -13.49 12.10
CA ILE A 535 2.02 -12.05 12.25
C ILE A 535 0.53 -11.81 12.17
N PRO A 536 0.05 -10.68 12.70
CA PRO A 536 -1.40 -10.43 12.63
C PRO A 536 -1.73 -10.35 11.14
N PRO A 537 -2.88 -10.91 10.73
CA PRO A 537 -3.21 -10.84 9.30
C PRO A 537 -3.15 -9.36 8.91
N THR A 538 -2.45 -9.05 7.82
CA THR A 538 -2.31 -7.66 7.44
C THR A 538 -2.63 -7.33 5.99
N ALA A 539 -3.78 -6.70 5.78
CA ALA A 539 -4.19 -6.29 4.46
C ALA A 539 -4.03 -4.77 4.42
N MSE A 540 -2.92 -4.31 3.86
CA MSE A 540 -2.67 -2.88 3.75
C MSE A 540 -3.38 -2.38 2.51
O MSE A 540 -2.95 -2.63 1.38
CB MSE A 540 -1.17 -2.63 3.70
CG MSE A 540 -0.50 -2.98 5.02
SE MSE A 540 1.39 -3.33 4.89
CE MSE A 540 1.89 -2.88 6.72
N VAL A 541 -4.49 -1.70 2.73
CA VAL A 541 -5.32 -1.17 1.67
C VAL A 541 -4.99 0.26 1.27
N GLY A 542 -4.67 0.43 0.00
CA GLY A 542 -4.34 1.73 -0.53
C GLY A 542 -5.49 2.16 -1.43
N VAL A 543 -6.00 3.36 -1.22
CA VAL A 543 -7.12 3.86 -2.00
C VAL A 543 -6.78 5.18 -2.67
N VAL A 544 -7.15 5.30 -3.94
CA VAL A 544 -6.92 6.52 -4.69
C VAL A 544 -8.26 7.11 -5.08
N GLY A 545 -8.36 8.42 -5.02
CA GLY A 545 -9.58 9.10 -5.40
C GLY A 545 -9.23 10.45 -6.00
N VAL A 546 -10.24 11.15 -6.55
CA VAL A 546 -9.97 12.45 -7.14
C VAL A 546 -10.97 13.47 -6.62
N LEU A 547 -10.59 14.74 -6.74
CA LEU A 547 -11.44 15.83 -6.28
C LEU A 547 -10.99 17.14 -6.93
N GLU A 548 -11.74 18.21 -6.70
CA GLU A 548 -11.35 19.51 -7.24
C GLU A 548 -10.64 20.15 -6.09
N VAL A 549 -9.36 20.45 -6.30
CA VAL A 549 -8.53 21.07 -5.28
C VAL A 549 -9.24 22.22 -4.57
N ASP A 550 -10.14 22.89 -5.29
CA ASP A 550 -10.86 24.01 -4.72
C ASP A 550 -11.97 23.58 -3.75
N LYS A 551 -12.35 22.31 -3.79
CA LYS A 551 -13.38 21.79 -2.90
C LYS A 551 -12.72 20.67 -2.11
N ARG A 552 -11.80 21.06 -1.24
CA ARG A 552 -11.04 20.13 -0.43
C ARG A 552 -11.26 20.45 1.03
N ALA A 553 -11.03 19.45 1.88
CA ALA A 553 -11.19 19.64 3.31
C ALA A 553 -9.96 19.09 4.00
N GLU A 554 -9.56 19.71 5.09
CA GLU A 554 -8.43 19.20 5.85
C GLU A 554 -8.92 19.03 7.28
N MSE A 555 -8.16 18.33 8.09
CA MSE A 555 -8.57 18.04 9.46
C MSE A 555 -8.42 19.15 10.50
O MSE A 555 -9.14 19.14 11.49
CB MSE A 555 -7.81 16.83 9.96
CG MSE A 555 -6.36 17.15 10.21
SE MSE A 555 -5.46 15.69 11.08
CE MSE A 555 -6.42 15.76 12.76
N GLY A 556 -7.48 20.06 10.29
CA GLY A 556 -7.25 21.09 11.28
C GLY A 556 -8.30 22.18 11.48
N PHE A 557 -8.61 22.49 12.74
CA PHE A 557 -9.55 23.57 12.99
C PHE A 557 -8.82 24.80 12.48
N ARG A 558 -9.46 25.56 11.59
CA ARG A 558 -8.79 26.71 11.03
C ARG A 558 -9.16 28.07 11.57
N ARG A 559 -10.33 28.16 12.20
CA ARG A 559 -10.78 29.44 12.75
C ARG A 559 -11.77 29.25 13.88
N PRO A 560 -11.81 30.22 14.81
CA PRO A 560 -12.75 30.15 15.94
C PRO A 560 -14.18 30.49 15.52
N GLY A 561 -15.16 29.99 16.27
CA GLY A 561 -16.55 30.28 15.97
C GLY A 561 -17.29 29.35 15.02
N GLU A 562 -16.59 28.35 14.49
CA GLU A 562 -17.25 27.41 13.58
C GLU A 562 -18.01 26.38 14.40
N VAL A 563 -19.17 25.97 13.91
CA VAL A 563 -19.95 24.97 14.62
C VAL A 563 -19.31 23.61 14.33
N LEU A 564 -19.12 22.81 15.37
CA LEU A 564 -18.50 21.51 15.26
C LEU A 564 -19.53 20.39 15.41
N LEU A 565 -19.71 19.59 14.36
CA LEU A 565 -20.67 18.49 14.38
C LEU A 565 -20.03 17.11 14.28
N LEU A 566 -20.83 16.08 14.53
CA LEU A 566 -20.36 14.72 14.45
C LEU A 566 -21.40 13.85 13.75
N ILE A 567 -20.99 13.19 12.66
CA ILE A 567 -21.85 12.29 11.89
C ILE A 567 -21.66 10.96 12.61
N GLY A 568 -22.75 10.34 13.07
CA GLY A 568 -22.64 9.07 13.77
C GLY A 568 -22.87 9.29 15.26
N GLU A 569 -22.56 8.29 16.08
CA GLU A 569 -22.76 8.42 17.51
C GLU A 569 -21.49 8.47 18.36
N GLU A 570 -21.63 9.02 19.57
CA GLU A 570 -20.51 9.20 20.49
C GLU A 570 -19.96 7.92 21.08
N ARG A 571 -20.82 6.92 21.24
CA ARG A 571 -20.39 5.65 21.81
C ARG A 571 -19.57 4.78 20.89
N GLY A 572 -18.40 4.39 21.35
CA GLY A 572 -17.53 3.50 20.61
C GLY A 572 -17.43 2.22 21.42
N GLU A 573 -16.75 1.20 20.90
CA GLU A 573 -16.61 -0.05 21.64
C GLU A 573 -15.17 -0.17 22.12
N LEU A 574 -14.94 -1.01 23.13
CA LEU A 574 -13.60 -1.17 23.69
C LEU A 574 -12.80 -2.36 23.17
N GLY A 575 -13.48 -3.32 22.55
CA GLY A 575 -12.80 -4.50 22.03
C GLY A 575 -11.68 -4.21 21.04
N ALA A 576 -10.50 -4.75 21.31
CA ALA A 576 -9.34 -4.56 20.44
C ALA A 576 -8.99 -3.09 20.27
N SER A 577 -9.39 -2.25 21.23
CA SER A 577 -9.12 -0.82 21.10
C SER A 577 -7.79 -0.40 21.68
N GLU A 578 -7.45 0.86 21.41
CA GLU A 578 -6.23 1.46 21.92
C GLU A 578 -6.35 1.64 23.43
N VAL A 579 -7.46 2.22 23.87
CA VAL A 579 -7.65 2.47 25.29
C VAL A 579 -7.63 1.16 26.08
N LEU A 580 -8.11 0.07 25.49
CA LEU A 580 -8.11 -1.20 26.19
C LEU A 580 -6.67 -1.64 26.43
N TYR A 581 -5.87 -1.56 25.37
CA TYR A 581 -4.46 -1.94 25.44
C TYR A 581 -3.70 -1.10 26.46
N LEU A 582 -4.00 0.20 26.50
CA LEU A 582 -3.35 1.11 27.42
C LEU A 582 -3.68 0.79 28.87
N LEU A 583 -4.93 0.40 29.14
CA LEU A 583 -5.35 0.11 30.49
C LEU A 583 -5.15 -1.33 31.00
N THR A 584 -5.07 -2.30 30.09
CA THR A 584 -4.90 -3.69 30.50
C THR A 584 -3.60 -4.27 29.98
N GLY A 585 -2.98 -3.57 29.04
CA GLY A 585 -1.75 -4.06 28.47
C GLY A 585 -2.04 -5.23 27.54
N LYS A 586 -3.32 -5.48 27.29
CA LYS A 586 -3.70 -6.60 26.44
C LYS A 586 -4.67 -6.24 25.32
N GLU A 587 -4.88 -7.19 24.40
CA GLU A 587 -5.80 -6.98 23.29
C GLU A 587 -6.71 -8.19 23.20
N PHE A 588 -8.01 -7.94 23.33
CA PHE A 588 -9.00 -9.01 23.29
C PHE A 588 -10.36 -8.39 23.06
N GLY A 589 -11.40 -9.22 23.01
CA GLY A 589 -12.73 -8.69 22.77
C GLY A 589 -13.03 -8.59 21.30
N HIS A 590 -14.30 -8.36 20.96
CA HIS A 590 -14.69 -8.24 19.56
C HIS A 590 -14.34 -6.86 19.02
N PRO A 591 -13.80 -6.78 17.79
CA PRO A 591 -13.44 -5.49 17.20
C PRO A 591 -14.76 -4.74 16.93
N PRO A 592 -14.70 -3.42 16.73
CA PRO A 592 -15.95 -2.68 16.48
C PRO A 592 -16.77 -3.22 15.31
N ARG A 593 -18.08 -3.32 15.49
CA ARG A 593 -18.93 -3.79 14.41
C ARG A 593 -18.82 -2.76 13.28
N LEU A 594 -19.03 -3.21 12.05
CA LEU A 594 -18.95 -2.33 10.90
C LEU A 594 -20.18 -2.53 10.00
N ASP A 595 -20.99 -1.49 9.93
CA ASP A 595 -22.20 -1.48 9.11
C ASP A 595 -21.76 -0.82 7.81
N LEU A 596 -21.56 -1.64 6.79
CA LEU A 596 -21.12 -1.14 5.51
C LEU A 596 -22.13 -0.19 4.87
N GLY A 597 -23.41 -0.39 5.17
CA GLY A 597 -24.43 0.49 4.62
C GLY A 597 -24.28 1.88 5.20
N ARG A 598 -24.07 1.95 6.50
CA ARG A 598 -23.90 3.23 7.16
C ARG A 598 -22.62 3.87 6.65
N GLU A 599 -21.54 3.08 6.59
CA GLU A 599 -20.25 3.57 6.14
C GLU A 599 -20.35 4.27 4.78
N LYS A 600 -21.00 3.63 3.83
CA LYS A 600 -21.17 4.19 2.50
C LYS A 600 -21.97 5.51 2.53
N ALA A 601 -23.06 5.51 3.28
CA ALA A 601 -23.90 6.69 3.38
C ALA A 601 -23.14 7.86 4.03
N VAL A 602 -22.32 7.55 5.03
CA VAL A 602 -21.53 8.60 5.69
C VAL A 602 -20.48 9.17 4.74
N GLN A 603 -19.83 8.30 3.97
CA GLN A 603 -18.80 8.73 3.03
C GLN A 603 -19.38 9.65 1.95
N GLU A 604 -20.59 9.34 1.50
CA GLU A 604 -21.24 10.15 0.49
C GLU A 604 -21.78 11.42 1.12
N ALA A 605 -22.18 11.33 2.38
CA ALA A 605 -22.69 12.51 3.06
C ALA A 605 -21.56 13.52 3.25
N ILE A 606 -20.38 13.05 3.65
CA ILE A 606 -19.27 13.97 3.87
C ILE A 606 -18.74 14.55 2.56
N ARG A 607 -18.72 13.76 1.48
CA ARG A 607 -18.26 14.30 0.21
C ARG A 607 -19.24 15.36 -0.29
N ASP A 608 -20.53 15.10 -0.17
CA ASP A 608 -21.54 16.07 -0.62
C ASP A 608 -21.37 17.37 0.14
N LEU A 609 -21.29 17.24 1.45
CA LEU A 609 -21.12 18.36 2.36
C LEU A 609 -19.95 19.26 1.92
N ILE A 610 -18.85 18.63 1.54
CA ILE A 610 -17.66 19.35 1.12
C ILE A 610 -17.76 19.93 -0.31
N GLN A 611 -18.32 19.16 -1.24
CA GLN A 611 -18.44 19.63 -2.62
C GLN A 611 -19.41 20.81 -2.71
N ARG A 612 -20.41 20.84 -1.84
CA ARG A 612 -21.37 21.93 -1.85
C ARG A 612 -20.81 23.12 -1.10
N GLY A 613 -19.56 23.01 -0.63
CA GLY A 613 -18.93 24.10 0.10
C GLY A 613 -19.46 24.37 1.50
N LEU A 614 -20.21 23.40 2.07
CA LEU A 614 -20.75 23.58 3.42
C LEU A 614 -19.67 23.42 4.49
N THR A 615 -18.62 22.67 4.17
CA THR A 615 -17.53 22.42 5.11
C THR A 615 -16.20 22.22 4.41
N ARG A 616 -15.12 22.69 5.03
CA ARG A 616 -13.80 22.51 4.45
C ARG A 616 -12.86 21.95 5.52
N THR A 617 -13.44 21.47 6.61
CA THR A 617 -12.64 20.88 7.67
C THR A 617 -13.38 19.66 8.24
N ALA A 618 -12.76 18.50 8.03
CA ALA A 618 -13.33 17.22 8.46
C ALA A 618 -12.23 16.28 8.93
N HIS A 619 -12.61 15.31 9.76
CA HIS A 619 -11.65 14.37 10.29
C HIS A 619 -12.45 13.19 10.78
N ASP A 620 -12.09 11.97 10.39
CA ASP A 620 -12.87 10.83 10.87
C ASP A 620 -12.38 10.40 12.24
N VAL A 621 -13.26 9.73 12.99
CA VAL A 621 -12.95 9.26 14.33
C VAL A 621 -12.51 7.80 14.26
N ALA A 622 -11.23 7.56 14.45
CA ALA A 622 -10.70 6.20 14.39
C ALA A 622 -10.14 5.75 15.72
N GLU A 623 -8.96 5.14 15.69
CA GLU A 623 -8.35 4.65 16.91
C GLU A 623 -8.20 5.74 17.96
N GLY A 624 -8.49 5.39 19.22
CA GLY A 624 -8.39 6.35 20.30
C GLY A 624 -9.70 7.05 20.64
N GLY A 625 -10.71 6.88 19.80
CA GLY A 625 -12.00 7.47 20.06
C GLY A 625 -12.20 8.96 19.80
N LEU A 626 -13.40 9.42 20.12
CA LEU A 626 -13.83 10.79 19.93
C LEU A 626 -12.86 11.86 20.44
N LEU A 627 -12.38 11.70 21.66
CA LEU A 627 -11.48 12.72 22.23
C LEU A 627 -10.14 12.80 21.50
N LEU A 628 -9.55 11.66 21.15
CA LEU A 628 -8.29 11.72 20.45
C LEU A 628 -8.49 12.40 19.10
N ALA A 629 -9.55 12.05 18.38
CA ALA A 629 -9.83 12.68 17.08
C ALA A 629 -9.89 14.18 17.28
N LEU A 630 -10.63 14.59 18.31
CA LEU A 630 -10.80 16.00 18.66
C LEU A 630 -9.45 16.68 18.89
N ALA A 631 -8.56 16.05 19.65
CA ALA A 631 -7.26 16.65 19.92
C ALA A 631 -6.40 16.81 18.66
N GLU A 632 -6.48 15.84 17.76
CA GLU A 632 -5.71 15.89 16.52
C GLU A 632 -6.10 17.09 15.66
N MSE A 633 -7.32 17.56 15.81
CA MSE A 633 -7.78 18.68 15.00
C MSE A 633 -7.29 20.03 15.47
O MSE A 633 -7.33 21.01 14.71
CB MSE A 633 -9.31 18.67 14.91
CG MSE A 633 -9.86 17.43 14.22
SE MSE A 633 -11.80 17.31 14.30
CE MSE A 633 -12.25 18.23 12.65
N THR A 634 -6.81 20.10 16.70
CA THR A 634 -6.31 21.34 17.26
C THR A 634 -4.82 21.56 16.98
N PHE A 635 -4.11 20.50 16.62
CA PHE A 635 -2.68 20.58 16.35
C PHE A 635 -2.20 21.39 15.12
N PRO A 636 -2.82 21.18 13.95
CA PRO A 636 -2.40 21.91 12.75
C PRO A 636 -2.32 23.44 12.81
N TYR A 637 -3.32 24.08 13.41
CA TYR A 637 -3.34 25.54 13.50
C TYR A 637 -3.38 26.10 14.90
N GLY A 638 -3.38 25.23 15.91
CA GLY A 638 -3.41 25.71 17.28
C GLY A 638 -4.73 26.34 17.69
N VAL A 639 -5.81 25.91 17.06
CA VAL A 639 -7.15 26.40 17.37
C VAL A 639 -7.87 25.31 18.17
N GLY A 640 -8.32 25.66 19.38
CA GLY A 640 -8.99 24.69 20.24
C GLY A 640 -10.46 24.47 19.97
N ALA A 641 -11.15 23.78 20.88
CA ALA A 641 -12.58 23.52 20.72
C ALA A 641 -13.27 23.38 22.07
N THR A 642 -14.57 23.64 22.08
CA THR A 642 -15.40 23.53 23.28
C THR A 642 -16.64 22.75 22.90
N VAL A 643 -16.86 21.63 23.57
CA VAL A 643 -18.00 20.79 23.24
C VAL A 643 -18.62 20.09 24.44
N GLU A 644 -19.70 19.37 24.17
CA GLU A 644 -20.38 18.60 25.20
C GLU A 644 -20.57 17.16 24.74
N VAL A 645 -20.18 16.21 25.57
CA VAL A 645 -20.37 14.82 25.24
C VAL A 645 -21.39 14.33 26.26
N ARG A 646 -22.54 13.87 25.78
CA ARG A 646 -23.62 13.42 26.65
C ARG A 646 -23.42 12.13 27.42
N GLU A 647 -22.49 11.30 26.97
CA GLU A 647 -22.24 10.06 27.67
C GLU A 647 -20.86 10.08 28.26
N GLU A 648 -20.74 9.72 29.53
CA GLU A 648 -19.44 9.67 30.15
C GLU A 648 -19.06 8.20 30.08
N GLY A 649 -17.83 7.88 30.46
CA GLY A 649 -17.39 6.50 30.41
C GLY A 649 -16.41 6.38 29.27
N LEU A 650 -15.47 5.45 29.41
CA LEU A 650 -14.45 5.23 28.40
C LEU A 650 -15.04 4.97 27.02
N GLU A 651 -16.10 4.19 26.95
CA GLU A 651 -16.71 3.88 25.66
C GLU A 651 -17.03 5.12 24.85
N ALA A 652 -17.53 6.17 25.49
CA ALA A 652 -17.89 7.37 24.77
C ALA A 652 -16.71 8.29 24.47
N LEU A 653 -15.77 8.39 25.39
CA LEU A 653 -14.65 9.29 25.19
C LEU A 653 -13.50 8.68 24.36
N PHE A 654 -13.30 7.38 24.50
CA PHE A 654 -12.19 6.71 23.82
C PHE A 654 -12.54 5.45 23.04
N GLY A 655 -13.77 4.97 23.19
CA GLY A 655 -14.19 3.78 22.48
C GLY A 655 -14.10 3.97 20.99
N GLU A 656 -13.90 2.89 20.25
CA GLU A 656 -13.79 3.01 18.80
C GLU A 656 -15.01 2.49 18.04
N ALA A 657 -15.32 3.13 16.91
CA ALA A 657 -16.44 2.74 16.04
C ALA A 657 -16.24 3.39 14.69
N PRO A 658 -16.45 2.64 13.60
CA PRO A 658 -16.28 3.17 12.25
C PRO A 658 -17.44 4.05 11.83
N SER A 659 -17.34 4.58 10.61
CA SER A 659 -18.40 5.40 10.06
C SER A 659 -18.72 6.68 10.83
N ARG A 660 -17.76 7.19 11.59
CA ARG A 660 -17.97 8.42 12.36
C ARG A 660 -17.05 9.54 11.86
N VAL A 661 -17.65 10.70 11.56
CA VAL A 661 -16.92 11.85 11.04
C VAL A 661 -17.24 13.19 11.70
N LEU A 662 -16.20 13.95 12.00
CA LEU A 662 -16.33 15.27 12.59
C LEU A 662 -16.10 16.32 11.51
N PHE A 663 -16.84 17.42 11.56
CA PHE A 663 -16.67 18.50 10.60
C PHE A 663 -17.25 19.80 11.12
N THR A 664 -16.79 20.92 10.56
CA THR A 664 -17.27 22.22 11.00
C THR A 664 -17.94 22.99 9.87
N VAL A 665 -18.90 23.82 10.23
CA VAL A 665 -19.63 24.63 9.25
C VAL A 665 -19.61 26.06 9.74
N GLU A 666 -19.81 27.01 8.83
CA GLU A 666 -19.85 28.39 9.26
C GLU A 666 -21.24 28.54 9.88
N LYS A 667 -21.28 29.27 10.99
CA LYS A 667 -22.48 29.55 11.77
C LYS A 667 -23.81 29.62 10.98
N THR A 668 -23.85 30.49 9.98
CA THR A 668 -25.07 30.66 9.19
C THR A 668 -25.32 29.56 8.15
N ARG A 669 -24.63 28.44 8.27
CA ARG A 669 -24.81 27.34 7.32
C ARG A 669 -25.22 26.06 8.02
N LEU A 670 -25.32 26.13 9.34
CA LEU A 670 -25.69 24.99 10.16
C LEU A 670 -26.96 24.26 9.73
N GLN A 671 -28.02 25.01 9.46
CA GLN A 671 -29.29 24.39 9.08
C GLN A 671 -29.25 23.58 7.77
N GLU A 672 -28.54 24.08 6.77
CA GLU A 672 -28.44 23.37 5.49
C GLU A 672 -27.68 22.06 5.66
N ALA A 673 -26.68 22.09 6.52
CA ALA A 673 -25.87 20.90 6.77
C ALA A 673 -26.69 19.88 7.52
N THR A 674 -27.37 20.32 8.57
CA THR A 674 -28.18 19.42 9.36
C THR A 674 -29.36 18.90 8.55
N LEU A 675 -29.82 19.70 7.61
CA LEU A 675 -30.94 19.29 6.77
C LEU A 675 -30.46 18.15 5.87
N LEU A 676 -29.23 18.28 5.37
CA LEU A 676 -28.64 17.25 4.50
C LEU A 676 -28.47 15.91 5.23
N LEU A 677 -27.87 15.95 6.41
CA LEU A 677 -27.67 14.72 7.17
C LEU A 677 -28.99 14.04 7.47
N GLU A 678 -30.01 14.83 7.82
CA GLU A 678 -31.32 14.29 8.11
C GLU A 678 -31.96 13.60 6.92
N GLU A 679 -31.84 14.20 5.74
CA GLU A 679 -32.40 13.62 4.52
C GLU A 679 -31.70 12.32 4.17
N ARG A 680 -30.57 12.05 4.83
CA ARG A 680 -29.81 10.83 4.60
C ARG A 680 -30.05 9.83 5.73
N GLY A 681 -30.95 10.18 6.64
CA GLY A 681 -31.26 9.32 7.78
C GLY A 681 -30.04 9.00 8.62
N LEU A 682 -29.10 9.95 8.70
CA LEU A 682 -27.88 9.74 9.46
C LEU A 682 -27.89 10.34 10.86
N PRO A 683 -27.52 9.54 11.87
CA PRO A 683 -27.50 10.07 13.24
C PRO A 683 -26.39 11.12 13.25
N TYR A 684 -26.60 12.20 14.00
CA TYR A 684 -25.59 13.25 14.07
C TYR A 684 -25.80 14.06 15.33
N ARG A 685 -24.82 14.92 15.64
CA ARG A 685 -24.90 15.77 16.82
C ARG A 685 -24.07 17.04 16.67
N VAL A 686 -24.57 18.10 17.27
CA VAL A 686 -23.88 19.39 17.26
C VAL A 686 -23.16 19.46 18.60
N LEU A 687 -21.89 19.07 18.61
CA LEU A 687 -21.08 19.04 19.82
C LEU A 687 -20.73 20.40 20.42
N GLY A 688 -20.41 21.37 19.58
CA GLY A 688 -20.06 22.71 20.07
C GLY A 688 -19.42 23.59 19.01
N GLU A 689 -18.36 24.32 19.40
CA GLU A 689 -17.66 25.20 18.47
C GLU A 689 -16.15 25.19 18.63
N THR A 690 -15.45 25.77 17.65
CA THR A 690 -14.00 25.83 17.70
C THR A 690 -13.54 27.12 18.32
N GLY A 691 -12.25 27.20 18.64
CA GLY A 691 -11.70 28.41 19.22
C GLY A 691 -10.98 28.21 20.53
N GLY A 692 -10.15 29.19 20.88
CA GLY A 692 -9.41 29.15 22.12
C GLY A 692 -8.15 28.32 22.10
N LYS A 693 -7.45 28.30 23.23
CA LYS A 693 -6.22 27.54 23.36
C LYS A 693 -6.40 26.38 24.32
N SER A 694 -7.58 25.76 24.26
CA SER A 694 -7.87 24.60 25.08
C SER A 694 -8.87 23.68 24.40
N LEU A 695 -8.89 22.44 24.85
CA LEU A 695 -9.86 21.47 24.38
C LEU A 695 -10.70 21.36 25.65
N THR A 696 -11.98 21.70 25.56
CA THR A 696 -12.88 21.67 26.70
C THR A 696 -14.08 20.76 26.42
N VAL A 697 -14.32 19.80 27.30
CA VAL A 697 -15.40 18.84 27.10
C VAL A 697 -16.36 18.76 28.27
N LEU A 698 -17.60 19.15 28.06
CA LEU A 698 -18.61 19.07 29.11
C LEU A 698 -19.22 17.68 29.07
N THR A 699 -19.27 17.04 30.23
CA THR A 699 -19.85 15.71 30.37
C THR A 699 -20.91 15.85 31.47
N PRO A 700 -21.81 14.87 31.58
CA PRO A 700 -22.83 14.95 32.63
C PRO A 700 -22.21 15.03 34.03
N GLY A 701 -20.92 14.68 34.12
CA GLY A 701 -20.26 14.70 35.42
C GLY A 701 -19.27 15.83 35.64
N GLY A 702 -19.32 16.85 34.79
CA GLY A 702 -18.40 17.97 34.95
C GLY A 702 -17.62 18.24 33.68
N VAL A 703 -16.76 19.25 33.74
CA VAL A 703 -15.94 19.65 32.60
C VAL A 703 -14.54 19.08 32.62
N LEU A 704 -14.14 18.47 31.50
CA LEU A 704 -12.81 17.93 31.36
C LEU A 704 -12.09 18.99 30.53
N GLU A 705 -10.83 19.27 30.87
CA GLU A 705 -10.10 20.30 30.14
C GLU A 705 -8.60 20.08 30.01
N TRP A 706 -8.07 20.43 28.84
CA TRP A 706 -6.64 20.31 28.55
C TRP A 706 -6.20 21.54 27.77
N SER A 707 -4.98 22.00 28.00
CA SER A 707 -4.47 23.13 27.25
C SER A 707 -3.97 22.53 25.94
N LEU A 708 -3.95 23.29 24.86
CA LEU A 708 -3.46 22.74 23.60
C LEU A 708 -1.99 22.42 23.75
N GLU A 709 -1.32 23.13 24.64
CA GLU A 709 0.10 22.89 24.87
C GLU A 709 0.40 21.48 25.36
N GLU A 710 -0.27 21.05 26.42
CA GLU A 710 -0.04 19.73 26.98
C GLU A 710 -0.44 18.59 26.05
N LEU A 711 -1.45 18.82 25.21
CA LEU A 711 -1.90 17.81 24.26
C LEU A 711 -0.80 17.70 23.20
N LEU A 712 -0.34 18.85 22.76
CA LEU A 712 0.71 18.94 21.74
C LEU A 712 2.03 18.31 22.17
N SER A 713 2.55 18.66 23.35
CA SER A 713 3.83 18.09 23.76
C SER A 713 3.74 16.58 23.98
N ALA A 714 2.63 16.13 24.52
CA ALA A 714 2.44 14.70 24.77
C ALA A 714 2.43 13.92 23.45
N TRP A 715 1.80 14.51 22.44
CA TRP A 715 1.67 13.90 21.11
C TRP A 715 2.93 13.98 20.26
N LYS A 716 3.69 15.06 20.41
CA LYS A 716 4.89 15.29 19.60
C LYS A 716 6.15 14.52 19.97
N ALA A 717 6.38 14.29 21.26
CA ALA A 717 7.59 13.62 21.74
C ALA A 717 7.87 12.13 21.47
N PRO A 718 6.89 11.23 21.69
CA PRO A 718 7.02 9.78 21.49
C PRO A 718 7.87 9.25 20.34
N LEU A 719 7.40 9.38 19.10
CA LEU A 719 8.15 8.87 17.97
C LEU A 719 9.41 9.64 17.63
N ARG A 720 9.48 10.91 18.02
CA ARG A 720 10.65 11.70 17.72
C ARG A 720 11.87 11.18 18.45
N GLU A 721 11.71 10.83 19.72
CA GLU A 721 12.86 10.30 20.47
C GLU A 721 13.18 8.89 20.01
N VAL A 722 12.15 8.07 19.82
CA VAL A 722 12.35 6.70 19.37
C VAL A 722 13.18 6.68 18.09
N LEU A 723 12.84 7.57 17.15
CA LEU A 723 13.54 7.65 15.88
C LEU A 723 14.85 8.41 15.98
N ASP A 724 14.83 9.55 16.68
CA ASP A 724 16.03 10.36 16.84
C ASP A 724 16.51 10.40 18.28
N GLY A 725 16.65 9.23 18.90
CA GLY A 725 17.10 9.16 20.28
C GLY A 725 17.72 7.81 20.63
PB ADP B . 5.87 -7.51 -9.59
O1B ADP B . 6.63 -8.76 -9.29
O2B ADP B . 5.91 -6.55 -8.30
O3B ADP B . 6.59 -6.77 -10.92
PA ADP B . 3.81 -9.27 -9.28
O1A ADP B . 4.12 -10.41 -10.20
O2A ADP B . 4.56 -9.54 -7.86
O3A ADP B . 4.31 -7.87 -9.95
O5' ADP B . 2.21 -9.16 -8.98
C5' ADP B . 1.49 -10.10 -9.80
C4' ADP B . 0.23 -9.48 -10.47
O4' ADP B . -0.99 -9.87 -9.74
C3' ADP B . 0.21 -7.93 -10.51
O3' ADP B . -0.48 -7.50 -11.68
C2' ADP B . -0.53 -7.55 -9.21
O2' ADP B . -1.12 -6.26 -9.30
C1' ADP B . -1.54 -8.69 -9.06
N9 ADP B . -1.81 -8.98 -7.64
C8 ADP B . -0.99 -9.66 -6.79
N7 ADP B . -1.53 -9.73 -5.60
C5 ADP B . -2.72 -9.10 -5.61
C6 ADP B . -3.74 -8.86 -4.65
N6 ADP B . -3.61 -9.33 -3.36
N1 ADP B . -4.84 -8.18 -5.03
C2 ADP B . -4.99 -7.71 -6.29
N3 ADP B . -4.05 -7.93 -7.22
C4 ADP B . -2.92 -8.60 -6.93
P PO4 C . 8.36 -10.59 0.76
O1 PO4 C . 7.85 -9.25 1.11
O2 PO4 C . 9.32 -11.03 1.81
O3 PO4 C . 7.24 -11.55 0.71
O4 PO4 C . 9.04 -10.55 -0.55
MG MG D . -8.00 9.33 9.70
C1 PEG E . -4.07 -13.10 -8.93
O1 PEG E . -5.00 -12.15 -9.47
C2 PEG E . -2.63 -12.63 -9.17
O2 PEG E . -1.82 -13.76 -9.50
C3 PEG E . -0.49 -13.28 -9.73
C4 PEG E . 0.40 -14.47 -10.08
O4 PEG E . 0.11 -14.91 -11.41
#